data_4PFE
#
_entry.id   4PFE
#
_cell.length_a   83.426
_cell.length_b   83.426
_cell.length_c   228.691
_cell.angle_alpha   90.000
_cell.angle_beta   90.000
_cell.angle_gamma   90.000
#
_symmetry.space_group_name_H-M   'P 41 21 2'
#
loop_
_entity.id
_entity.type
_entity.pdbx_description
1 polymer 'Green fluorescent protein'
2 water water
#
_entity_poly.entity_id   1
_entity_poly.type   'polypeptide(L)'
_entity_poly.pdbx_seq_one_letter_code
;SKGEELFTGVVPILVELDGDVNGHKFSVRGEGEGDATNGKLTLKFICTTGKLPVPWPTLVTTL(CRO)VQCFSRYPDHMK
RHDFFKSAMPEGYVQERTISFKDDGTYKTRAEVKFEGDTLVNRIELKGIDFKEDGNILGHKLEYNFNSHNVYITADKQKN
GIKANFKIRHNVEDGSVQLADHYQQNTPIGDGPVLLPDNHYLSTQSVLSKDPNEKRDHMVLLEFVTAAGIAQVQLVESGG
ALVQPGGSLRLSCAASGFPVNRYSMRWYRQAPGKEREWVAGMSSAGDRSSYEDSVKGRFTISRDDARNTVYLQMNSLKPE
DTAVYYCNVNVGFEYWGQGTQVTVSHH
;
_entity_poly.pdbx_strand_id   A,B
#
# COMPACT_ATOMS: atom_id res chain seq x y z
N SER A 1 8.15 22.20 9.30
CA SER A 1 8.43 21.28 10.40
C SER A 1 7.80 21.78 11.69
N LYS A 2 7.64 23.09 11.78
CA LYS A 2 6.86 23.71 12.84
C LYS A 2 5.44 23.18 12.82
N GLY A 3 4.84 23.19 11.62
CA GLY A 3 3.48 22.75 11.43
C GLY A 3 3.25 21.25 11.43
N GLU A 4 4.30 20.46 11.22
CA GLU A 4 4.12 19.01 11.28
C GLU A 4 3.75 18.62 12.70
N GLU A 5 4.42 19.29 13.63
CA GLU A 5 4.37 19.00 15.05
C GLU A 5 2.97 19.16 15.65
N LEU A 6 2.14 19.94 14.99
CA LEU A 6 0.77 20.13 15.43
C LEU A 6 0.00 18.83 15.18
N PHE A 7 0.44 18.09 14.17
CA PHE A 7 -0.24 16.85 13.76
C PHE A 7 0.37 15.55 14.30
N THR A 8 1.38 15.63 15.15
CA THR A 8 2.01 14.44 15.71
C THR A 8 1.04 13.55 16.51
N GLY A 9 0.08 14.17 17.19
CA GLY A 9 -0.88 13.40 17.95
C GLY A 9 -2.25 13.37 17.30
N VAL A 10 -3.18 12.67 17.94
CA VAL A 10 -4.58 12.72 17.53
C VAL A 10 -5.13 14.09 17.91
N VAL A 11 -5.69 14.82 16.95
CA VAL A 11 -6.20 16.15 17.23
C VAL A 11 -7.69 16.27 16.93
N PRO A 12 -8.42 16.93 17.84
CA PRO A 12 -9.86 17.21 17.72
C PRO A 12 -10.19 18.07 16.51
N ILE A 13 -11.24 17.72 15.79
CA ILE A 13 -11.65 18.47 14.60
C ILE A 13 -13.03 19.06 14.79
N LEU A 14 -13.23 20.27 14.28
CA LEU A 14 -14.56 20.87 14.23
C LEU A 14 -14.83 21.38 12.82
N VAL A 15 -15.97 21.00 12.28
CA VAL A 15 -16.36 21.44 10.94
C VAL A 15 -17.69 22.18 10.99
N GLU A 16 -17.75 23.34 10.33
CA GLU A 16 -18.98 24.12 10.28
C GLU A 16 -19.24 24.60 8.86
N LEU A 17 -20.38 24.19 8.32
CA LEU A 17 -20.72 24.47 6.94
C LEU A 17 -22.04 25.23 6.82
N ASP A 18 -22.00 26.32 6.07
CA ASP A 18 -23.18 27.11 5.76
C ASP A 18 -23.40 27.03 4.26
N GLY A 19 -24.59 26.66 3.82
CA GLY A 19 -24.81 26.54 2.39
C GLY A 19 -26.18 26.92 1.86
N ASP A 20 -26.19 27.27 0.58
CA ASP A 20 -27.40 27.58 -0.16
C ASP A 20 -27.28 26.93 -1.53
N VAL A 21 -28.21 26.03 -1.83
CA VAL A 21 -28.29 25.42 -3.16
C VAL A 21 -29.69 25.59 -3.73
N ASN A 22 -29.76 26.29 -4.86
CA ASN A 22 -31.04 26.66 -5.49
C ASN A 22 -31.98 27.40 -4.55
N GLY A 23 -31.40 28.13 -3.60
CA GLY A 23 -32.19 28.89 -2.65
C GLY A 23 -32.48 28.12 -1.37
N HIS A 24 -32.36 26.80 -1.42
CA HIS A 24 -32.57 25.98 -0.25
C HIS A 24 -31.36 26.13 0.66
N LYS A 25 -31.61 26.57 1.90
CA LYS A 25 -30.52 26.94 2.80
C LYS A 25 -30.42 25.94 3.94
N PHE A 26 -29.19 25.71 4.40
CA PHE A 26 -28.93 24.73 5.44
C PHE A 26 -27.61 24.99 6.15
N SER A 27 -27.42 24.31 7.27
CA SER A 27 -26.20 24.45 8.05
C SER A 27 -25.77 23.08 8.55
N VAL A 28 -24.48 22.82 8.47
CA VAL A 28 -23.94 21.55 8.95
C VAL A 28 -22.84 21.82 9.97
N ARG A 29 -22.82 21.01 11.02
CA ARG A 29 -21.82 21.13 12.05
C ARG A 29 -21.31 19.72 12.32
N GLY A 30 -20.00 19.59 12.50
CA GLY A 30 -19.43 18.30 12.74
C GLY A 30 -18.19 18.33 13.61
N GLU A 31 -17.92 17.21 14.26
CA GLU A 31 -16.79 17.11 15.17
C GLU A 31 -16.28 15.68 15.26
N GLY A 32 -15.03 15.53 15.67
CA GLY A 32 -14.38 14.25 15.73
C GLY A 32 -12.90 14.43 15.98
N GLU A 33 -12.10 13.46 15.56
CA GLU A 33 -10.67 13.55 15.78
C GLU A 33 -9.89 13.02 14.57
N GLY A 34 -8.92 13.79 14.12
CA GLY A 34 -8.03 13.32 13.07
C GLY A 34 -6.73 12.75 13.60
N ASP A 35 -6.16 11.82 12.86
CA ASP A 35 -4.84 11.29 13.15
C ASP A 35 -4.08 11.35 11.83
N ALA A 36 -3.11 12.25 11.74
CA ALA A 36 -2.36 12.45 10.51
C ALA A 36 -1.29 11.37 10.33
N THR A 37 -0.80 10.83 11.45
CA THR A 37 0.27 9.84 11.42
C THR A 37 -0.16 8.54 10.72
N ASN A 38 -1.42 8.17 10.87
CA ASN A 38 -1.99 7.05 10.12
C ASN A 38 -2.92 7.52 9.00
N GLY A 39 -3.11 8.84 8.92
CA GLY A 39 -3.99 9.41 7.93
C GLY A 39 -5.45 9.06 8.12
N LYS A 40 -5.87 8.89 9.36
CA LYS A 40 -7.22 8.43 9.62
C LYS A 40 -8.11 9.55 10.19
N LEU A 41 -9.37 9.57 9.77
CA LEU A 41 -10.33 10.56 10.22
C LEU A 41 -11.58 9.88 10.74
N THR A 42 -12.13 10.42 11.83
CA THR A 42 -13.40 9.96 12.35
C THR A 42 -14.24 11.17 12.72
N LEU A 43 -15.38 11.33 12.05
CA LEU A 43 -16.21 12.51 12.26
C LEU A 43 -17.70 12.20 12.26
N LYS A 44 -18.46 13.06 12.92
CA LYS A 44 -19.92 12.99 12.91
C LYS A 44 -20.45 14.36 12.56
N PHE A 45 -21.30 14.43 11.53
CA PHE A 45 -21.84 15.70 11.08
C PHE A 45 -23.34 15.73 11.32
N ILE A 46 -23.89 16.92 11.52
CA ILE A 46 -25.32 17.07 11.78
C ILE A 46 -25.86 18.31 11.07
N CYS A 47 -26.98 18.14 10.38
CA CYS A 47 -27.68 19.29 9.82
C CYS A 47 -28.47 19.94 10.96
N THR A 48 -28.15 21.20 11.24
CA THR A 48 -28.72 21.90 12.38
C THR A 48 -29.99 22.65 11.97
N THR A 49 -30.24 22.67 10.66
CA THR A 49 -31.37 23.38 10.09
C THR A 49 -32.61 22.51 9.90
N GLY A 50 -32.57 21.30 10.44
CA GLY A 50 -33.56 20.30 10.10
C GLY A 50 -33.04 19.40 8.99
N LYS A 51 -33.91 18.95 8.10
CA LYS A 51 -33.53 17.96 7.11
C LYS A 51 -32.66 18.55 5.99
N LEU A 52 -31.62 17.81 5.62
CA LEU A 52 -30.66 18.25 4.61
C LEU A 52 -31.23 18.14 3.19
N PRO A 53 -31.26 19.27 2.47
CA PRO A 53 -31.83 19.37 1.12
C PRO A 53 -31.02 18.64 0.04
N VAL A 54 -29.77 18.29 0.36
CA VAL A 54 -28.91 17.58 -0.57
C VAL A 54 -28.47 16.25 0.04
N PRO A 55 -28.01 15.30 -0.80
CA PRO A 55 -27.52 14.05 -0.21
C PRO A 55 -26.22 14.29 0.54
N TRP A 56 -26.05 13.58 1.66
CA TRP A 56 -24.82 13.68 2.44
C TRP A 56 -23.51 13.41 1.66
N PRO A 57 -23.51 12.42 0.75
CA PRO A 57 -22.26 12.18 0.00
C PRO A 57 -21.76 13.37 -0.82
N THR A 58 -22.66 14.25 -1.26
CA THR A 58 -22.25 15.40 -2.07
C THR A 58 -21.48 16.42 -1.25
N LEU A 59 -21.57 16.31 0.08
CA LEU A 59 -20.90 17.25 0.96
C LEU A 59 -19.56 16.72 1.48
N VAL A 60 -19.24 15.48 1.16
CA VAL A 60 -18.07 14.81 1.75
C VAL A 60 -16.74 15.51 1.43
N THR A 61 -16.48 15.77 0.16
CA THR A 61 -15.21 16.37 -0.23
C THR A 61 -15.09 17.80 0.29
N THR A 62 -16.22 18.45 0.51
CA THR A 62 -16.23 19.81 1.03
C THR A 62 -16.02 19.80 2.55
N LEU A 63 -16.60 18.81 3.21
CA LEU A 63 -16.47 18.68 4.66
C LEU A 63 -15.10 18.15 5.05
N1 CRO A 64 -14.91 17.05 4.30
CA1 CRO A 64 -13.52 16.77 4.58
CB1 CRO A 64 -13.37 15.38 5.22
CG1 CRO A 64 -14.29 14.38 4.55
OG1 CRO A 64 -12.02 14.93 5.10
C1 CRO A 64 -12.70 16.88 3.34
N2 CRO A 64 -12.53 15.92 2.37
N3 CRO A 64 -12.03 18.01 3.03
C2 CRO A 64 -11.45 17.76 1.87
O2 CRO A 64 -10.72 18.61 1.24
CA2 CRO A 64 -11.73 16.41 1.38
CA3 CRO A 64 -11.97 19.26 3.78
C3 CRO A 64 -10.64 19.42 4.45
O3 CRO A 64 -10.24 20.54 4.76
CB2 CRO A 64 -11.19 15.82 0.09
CG2 CRO A 64 -11.62 14.43 -0.34
CD1 CRO A 64 -12.35 13.56 0.46
CD2 CRO A 64 -11.24 14.02 -1.61
CE1 CRO A 64 -12.69 12.29 -0.02
CE2 CRO A 64 -11.58 12.77 -2.09
CZ CRO A 64 -12.31 11.90 -1.29
OH CRO A 64 -12.63 10.67 -1.77
N VAL A 65 -10.37 18.34 5.15
CA VAL A 65 -9.23 18.65 6.01
C VAL A 65 -8.00 17.83 5.61
N GLN A 66 -7.52 18.06 4.39
CA GLN A 66 -6.46 17.25 3.80
C GLN A 66 -5.12 17.37 4.53
N CYS A 67 -5.07 18.27 5.51
CA CYS A 67 -3.90 18.38 6.38
C CYS A 67 -3.75 17.15 7.27
N PHE A 68 -4.76 16.29 7.27
CA PHE A 68 -4.73 15.04 8.01
C PHE A 68 -4.30 13.85 7.16
N SER A 69 -3.96 14.13 5.91
CA SER A 69 -3.44 13.10 5.02
C SER A 69 -2.13 12.59 5.58
N ARG A 70 -1.81 11.33 5.33
CA ARG A 70 -0.53 10.81 5.78
C ARG A 70 0.47 11.01 4.68
N TYR A 71 1.41 11.91 4.91
CA TYR A 71 2.52 12.10 4.00
C TYR A 71 3.69 11.30 4.55
N PRO A 72 4.14 10.30 3.81
CA PRO A 72 5.26 9.46 4.26
C PRO A 72 6.55 10.29 4.32
N ASP A 73 7.53 9.81 5.09
CA ASP A 73 8.73 10.57 5.39
C ASP A 73 9.41 11.16 4.16
N HIS A 74 9.56 10.36 3.12
CA HIS A 74 10.19 10.82 1.89
C HIS A 74 9.41 11.95 1.19
N MET A 75 8.11 11.99 1.39
CA MET A 75 7.26 13.03 0.78
C MET A 75 6.95 14.21 1.70
N LYS A 76 7.50 14.22 2.91
CA LYS A 76 7.21 15.28 3.87
C LYS A 76 7.55 16.69 3.41
N ARG A 77 8.46 16.80 2.45
CA ARG A 77 8.83 18.10 1.89
C ARG A 77 7.70 18.59 0.99
N HIS A 78 6.87 17.65 0.57
CA HIS A 78 5.80 17.91 -0.40
C HIS A 78 4.46 18.20 0.27
N ASP A 79 4.44 18.30 1.59
CA ASP A 79 3.18 18.51 2.28
C ASP A 79 2.97 20.00 2.44
N PHE A 80 2.04 20.53 1.66
CA PHE A 80 1.67 21.94 1.72
C PHE A 80 0.74 22.20 2.90
N PHE A 81 -0.15 21.24 3.13
CA PHE A 81 -1.25 21.42 4.07
C PHE A 81 -0.79 21.68 5.50
N LYS A 82 0.10 20.84 6.00
CA LYS A 82 0.60 21.02 7.37
C LYS A 82 1.57 22.19 7.46
N SER A 83 2.19 22.52 6.33
CA SER A 83 3.18 23.59 6.29
C SER A 83 2.53 24.96 6.45
N ALA A 84 1.23 25.04 6.19
CA ALA A 84 0.50 26.30 6.26
C ALA A 84 -0.07 26.56 7.65
N MET A 85 0.02 25.55 8.52
CA MET A 85 -0.47 25.66 9.89
C MET A 85 0.57 26.36 10.75
N PRO A 86 0.16 26.96 11.88
CA PRO A 86 -1.21 27.12 12.40
C PRO A 86 -2.08 28.16 11.68
N GLU A 87 -1.47 29.06 10.90
CA GLU A 87 -2.23 30.13 10.26
C GLU A 87 -3.25 29.60 9.24
N GLY A 88 -2.92 28.48 8.61
CA GLY A 88 -3.88 27.78 7.78
C GLY A 88 -3.93 28.21 6.32
N TYR A 89 -4.90 27.67 5.60
CA TYR A 89 -5.05 27.95 4.18
C TYR A 89 -6.51 28.17 3.78
N VAL A 90 -6.72 28.84 2.65
CA VAL A 90 -8.03 28.96 2.07
C VAL A 90 -8.20 27.89 1.00
N GLN A 91 -9.26 27.09 1.11
CA GLN A 91 -9.53 26.07 0.10
C GLN A 91 -10.78 26.43 -0.68
N GLU A 92 -10.63 26.56 -2.00
CA GLU A 92 -11.74 26.93 -2.86
C GLU A 92 -11.98 25.85 -3.90
N ARG A 93 -13.24 25.48 -4.08
CA ARG A 93 -13.59 24.49 -5.09
C ARG A 93 -14.77 24.91 -5.95
N THR A 94 -14.74 24.46 -7.20
CA THR A 94 -15.91 24.48 -8.05
C THR A 94 -16.26 23.03 -8.36
N ILE A 95 -17.45 22.61 -7.95
CA ILE A 95 -17.87 21.24 -8.15
C ILE A 95 -19.01 21.19 -9.14
N SER A 96 -18.73 20.66 -10.32
CA SER A 96 -19.73 20.58 -11.37
C SER A 96 -20.30 19.19 -11.45
N PHE A 97 -21.55 19.04 -11.02
CA PHE A 97 -22.24 17.76 -11.17
C PHE A 97 -22.73 17.67 -12.61
N LYS A 98 -22.35 16.58 -13.26
CA LYS A 98 -22.62 16.42 -14.69
C LYS A 98 -24.12 16.37 -14.97
N ASP A 99 -24.56 17.12 -15.97
CA ASP A 99 -25.97 17.23 -16.33
C ASP A 99 -26.81 17.77 -15.19
N ASP A 100 -26.19 18.55 -14.31
CA ASP A 100 -26.87 19.13 -13.15
C ASP A 100 -26.16 20.41 -12.70
N GLY A 101 -26.49 20.88 -11.51
CA GLY A 101 -25.98 22.15 -11.02
C GLY A 101 -24.53 22.15 -10.57
N THR A 102 -24.12 23.25 -9.93
CA THR A 102 -22.74 23.45 -9.50
C THR A 102 -22.64 23.94 -8.06
N TYR A 103 -21.68 23.37 -7.31
CA TYR A 103 -21.33 23.90 -6.00
C TYR A 103 -20.16 24.89 -6.14
N LYS A 104 -20.24 26.00 -5.42
CA LYS A 104 -19.07 26.85 -5.19
C LYS A 104 -18.76 26.84 -3.71
N THR A 105 -17.52 26.51 -3.36
CA THR A 105 -17.14 26.42 -1.96
C THR A 105 -15.92 27.27 -1.66
N ARG A 106 -15.92 27.88 -0.48
CA ARG A 106 -14.75 28.58 0.04
C ARG A 106 -14.60 28.24 1.51
N ALA A 107 -13.42 27.75 1.87
CA ALA A 107 -13.19 27.30 3.24
C ALA A 107 -11.93 27.91 3.81
N GLU A 108 -11.91 28.05 5.13
CA GLU A 108 -10.69 28.39 5.84
C GLU A 108 -10.39 27.26 6.82
N VAL A 109 -9.23 26.64 6.66
CA VAL A 109 -8.82 25.59 7.57
C VAL A 109 -7.63 26.06 8.37
N LYS A 110 -7.86 26.35 9.64
CA LYS A 110 -6.78 26.77 10.54
C LYS A 110 -7.00 26.15 11.92
N PHE A 111 -5.98 26.25 12.77
CA PHE A 111 -6.12 25.79 14.14
C PHE A 111 -6.81 26.87 14.96
N GLU A 112 -7.77 26.46 15.78
CA GLU A 112 -8.36 27.35 16.76
C GLU A 112 -8.26 26.64 18.10
N GLY A 113 -7.42 27.15 18.98
CA GLY A 113 -7.10 26.44 20.20
C GLY A 113 -6.37 25.15 19.87
N ASP A 114 -6.83 24.05 20.46
CA ASP A 114 -6.24 22.74 20.21
C ASP A 114 -6.94 22.00 19.07
N THR A 115 -8.07 22.55 18.61
CA THR A 115 -8.88 21.90 17.59
C THR A 115 -8.66 22.52 16.22
N LEU A 116 -8.50 21.69 15.20
CA LEU A 116 -8.40 22.19 13.83
C LEU A 116 -9.79 22.39 13.26
N VAL A 117 -10.05 23.59 12.77
CA VAL A 117 -11.39 23.99 12.37
C VAL A 117 -11.51 24.26 10.88
N ASN A 118 -12.47 23.57 10.26
CA ASN A 118 -12.82 23.83 8.87
C ASN A 118 -14.14 24.58 8.78
N ARG A 119 -14.08 25.81 8.25
CA ARG A 119 -15.28 26.63 8.11
C ARG A 119 -15.58 26.90 6.65
N ILE A 120 -16.76 26.49 6.20
CA ILE A 120 -17.08 26.52 4.79
C ILE A 120 -18.32 27.34 4.43
N GLU A 121 -18.20 28.10 3.35
CA GLU A 121 -19.35 28.70 2.67
C GLU A 121 -19.61 27.92 1.40
N LEU A 122 -20.86 27.53 1.18
CA LEU A 122 -21.22 26.75 0.00
C LEU A 122 -22.41 27.39 -0.71
N LYS A 123 -22.28 27.57 -2.02
CA LYS A 123 -23.35 28.12 -2.84
C LYS A 123 -23.62 27.22 -4.03
N GLY A 124 -24.75 26.54 -4.03
CA GLY A 124 -25.14 25.75 -5.19
C GLY A 124 -26.07 26.53 -6.09
N ILE A 125 -26.00 26.27 -7.41
CA ILE A 125 -26.92 26.89 -8.37
C ILE A 125 -27.19 25.95 -9.53
N ASP A 126 -28.26 26.24 -10.28
CA ASP A 126 -28.58 25.54 -11.52
C ASP A 126 -28.87 24.05 -11.33
N PHE A 127 -29.26 23.66 -10.12
CA PHE A 127 -29.61 22.28 -9.85
C PHE A 127 -31.04 21.94 -10.28
N LYS A 128 -31.20 20.74 -10.81
CA LYS A 128 -32.52 20.22 -11.16
C LYS A 128 -33.21 19.73 -9.90
N GLU A 129 -34.40 20.24 -9.62
CA GLU A 129 -35.14 19.83 -8.45
C GLU A 129 -35.48 18.35 -8.54
N ASP A 130 -35.60 17.87 -9.78
CA ASP A 130 -35.93 16.48 -10.05
C ASP A 130 -34.71 15.59 -10.34
N GLY A 131 -33.51 16.16 -10.24
CA GLY A 131 -32.30 15.43 -10.56
C GLY A 131 -31.79 14.54 -9.43
N ASN A 132 -30.59 14.00 -9.59
CA ASN A 132 -30.02 13.06 -8.62
C ASN A 132 -29.68 13.69 -7.28
N ILE A 133 -29.41 14.99 -7.28
CA ILE A 133 -29.01 15.67 -6.06
C ILE A 133 -30.22 16.14 -5.26
N LEU A 134 -30.98 17.08 -5.80
CA LEU A 134 -32.16 17.59 -5.11
C LEU A 134 -33.26 16.53 -5.00
N GLY A 135 -33.25 15.57 -5.90
CA GLY A 135 -34.21 14.46 -5.86
C GLY A 135 -33.75 13.28 -5.03
N HIS A 136 -32.61 13.41 -4.37
CA HIS A 136 -32.08 12.40 -3.47
C HIS A 136 -31.99 10.99 -4.05
N LYS A 137 -31.35 10.88 -5.22
CA LYS A 137 -31.22 9.58 -5.89
C LYS A 137 -29.87 8.90 -5.64
N LEU A 138 -29.02 9.49 -4.80
CA LEU A 138 -27.68 8.98 -4.59
C LEU A 138 -27.64 8.03 -3.40
N GLU A 139 -26.98 6.88 -3.60
CA GLU A 139 -26.84 5.88 -2.56
C GLU A 139 -26.06 6.46 -1.40
N TYR A 140 -26.29 5.96 -0.19
CA TYR A 140 -25.56 6.48 0.95
C TYR A 140 -24.31 5.62 1.11
N ASN A 141 -23.20 6.19 0.64
CA ASN A 141 -21.88 5.57 0.63
C ASN A 141 -20.91 6.50 -0.10
N PHE A 142 -19.64 6.13 -0.15
CA PHE A 142 -18.67 6.93 -0.88
C PHE A 142 -17.59 6.05 -1.49
N ASN A 143 -17.12 6.43 -2.67
CA ASN A 143 -16.11 5.64 -3.36
C ASN A 143 -14.68 6.06 -3.06
N SER A 144 -13.72 5.35 -3.65
CA SER A 144 -12.30 5.64 -3.46
C SER A 144 -11.74 6.41 -4.66
N HIS A 145 -11.02 7.49 -4.37
CA HIS A 145 -10.50 8.32 -5.45
C HIS A 145 -9.04 8.72 -5.24
N ASN A 146 -8.39 9.09 -6.33
CA ASN A 146 -7.06 9.68 -6.27
C ASN A 146 -7.15 11.17 -6.54
N VAL A 147 -6.72 11.99 -5.58
CA VAL A 147 -6.75 13.44 -5.72
C VAL A 147 -5.40 13.94 -6.22
N TYR A 148 -5.36 14.45 -7.45
CA TYR A 148 -4.10 14.86 -8.04
C TYR A 148 -3.70 16.29 -7.71
N ILE A 149 -2.54 16.41 -7.05
CA ILE A 149 -2.07 17.68 -6.54
C ILE A 149 -0.88 18.17 -7.34
N THR A 150 -1.00 19.40 -7.83
CA THR A 150 0.09 20.07 -8.49
C THR A 150 0.37 21.34 -7.72
N ALA A 151 1.56 21.88 -7.88
CA ALA A 151 1.88 23.14 -7.24
C ALA A 151 1.41 24.25 -8.15
N ASP A 152 0.86 25.31 -7.57
CA ASP A 152 0.61 26.53 -8.32
C ASP A 152 1.56 27.53 -7.67
N LYS A 153 2.61 27.87 -8.41
CA LYS A 153 3.72 28.62 -7.85
C LYS A 153 3.40 30.11 -7.68
N GLN A 154 2.49 30.61 -8.52
CA GLN A 154 2.07 32.01 -8.46
C GLN A 154 1.35 32.35 -7.16
N LYS A 155 0.50 31.45 -6.70
CA LYS A 155 -0.30 31.71 -5.51
C LYS A 155 0.35 31.21 -4.23
N ASN A 156 1.57 30.70 -4.35
CA ASN A 156 2.30 30.13 -3.21
C ASN A 156 1.50 29.01 -2.58
N GLY A 157 1.03 28.10 -3.42
CA GLY A 157 0.10 27.07 -2.98
C GLY A 157 -0.10 25.97 -4.01
N ILE A 158 -1.19 25.21 -3.85
CA ILE A 158 -1.45 24.05 -4.71
C ILE A 158 -2.77 24.14 -5.46
N LYS A 159 -2.88 23.34 -6.52
CA LYS A 159 -4.16 23.11 -7.18
C LYS A 159 -4.46 21.63 -7.26
N ALA A 160 -5.74 21.29 -7.43
CA ALA A 160 -6.14 19.90 -7.57
C ALA A 160 -7.25 19.71 -8.61
N ASN A 161 -7.23 18.56 -9.26
CA ASN A 161 -8.25 18.18 -10.24
C ASN A 161 -8.61 16.72 -10.04
N PHE A 162 -9.90 16.45 -9.83
CA PHE A 162 -10.35 15.07 -9.68
C PHE A 162 -11.85 14.86 -9.95
N LYS A 163 -12.22 13.63 -10.26
CA LYS A 163 -13.61 13.27 -10.54
C LYS A 163 -14.16 12.38 -9.45
N ILE A 164 -15.13 12.89 -8.69
CA ILE A 164 -15.79 12.09 -7.67
C ILE A 164 -16.93 11.31 -8.33
N ARG A 165 -17.00 10.02 -8.02
CA ARG A 165 -18.02 9.14 -8.58
C ARG A 165 -19.07 8.79 -7.53
N HIS A 166 -20.28 9.31 -7.73
CA HIS A 166 -21.38 9.05 -6.81
C HIS A 166 -22.29 7.95 -7.35
N ASN A 167 -22.41 6.85 -6.61
CA ASN A 167 -23.31 5.77 -6.98
C ASN A 167 -24.78 6.20 -6.90
N VAL A 168 -25.50 6.02 -8.00
CA VAL A 168 -26.92 6.34 -8.05
C VAL A 168 -27.76 5.08 -7.82
N GLU A 169 -28.90 5.26 -7.14
CA GLU A 169 -29.77 4.14 -6.74
C GLU A 169 -30.30 3.30 -7.91
N ASP A 170 -30.26 3.83 -9.12
CA ASP A 170 -30.76 3.09 -10.27
C ASP A 170 -29.67 2.28 -10.97
N GLY A 171 -28.47 2.31 -10.38
CA GLY A 171 -27.35 1.56 -10.91
C GLY A 171 -26.37 2.41 -11.70
N SER A 172 -26.69 3.69 -11.87
CA SER A 172 -25.84 4.59 -12.63
C SER A 172 -24.87 5.33 -11.71
N VAL A 173 -24.10 6.25 -12.29
CA VAL A 173 -23.11 7.01 -11.55
C VAL A 173 -23.31 8.51 -11.79
N GLN A 174 -23.21 9.30 -10.73
CA GLN A 174 -23.27 10.74 -10.85
C GLN A 174 -21.88 11.32 -10.67
N LEU A 175 -21.39 11.98 -11.70
CA LEU A 175 -20.02 12.52 -11.68
C LEU A 175 -20.00 13.93 -11.12
N ALA A 176 -19.06 14.18 -10.21
CA ALA A 176 -18.82 15.52 -9.72
C ALA A 176 -17.38 15.90 -10.03
N ASP A 177 -17.21 16.82 -10.96
CA ASP A 177 -15.88 17.29 -11.33
C ASP A 177 -15.41 18.34 -10.35
N HIS A 178 -14.29 18.06 -9.69
CA HIS A 178 -13.75 18.98 -8.71
C HIS A 178 -12.59 19.79 -9.28
N TYR A 179 -12.65 21.10 -9.06
CA TYR A 179 -11.54 21.97 -9.39
C TYR A 179 -11.19 22.66 -8.10
N GLN A 180 -9.93 22.52 -7.68
CA GLN A 180 -9.53 22.95 -6.35
C GLN A 180 -8.31 23.84 -6.40
N GLN A 181 -8.31 24.86 -5.57
CA GLN A 181 -7.12 25.69 -5.37
C GLN A 181 -6.98 26.08 -3.90
N ASN A 182 -5.79 25.88 -3.36
CA ASN A 182 -5.51 26.28 -1.99
C ASN A 182 -4.43 27.36 -1.93
N THR A 183 -4.60 28.30 -1.02
CA THR A 183 -3.60 29.34 -0.79
C THR A 183 -3.45 29.53 0.71
N PRO A 184 -2.22 29.79 1.17
CA PRO A 184 -2.01 29.93 2.61
C PRO A 184 -2.54 31.26 3.12
N ILE A 185 -2.92 31.29 4.40
CA ILE A 185 -3.47 32.50 4.99
C ILE A 185 -2.35 33.49 5.36
N GLY A 186 -1.23 32.98 5.85
CA GLY A 186 -0.09 33.81 6.17
C GLY A 186 0.89 33.92 5.01
N ASP A 187 1.86 34.82 5.13
CA ASP A 187 2.89 35.00 4.10
C ASP A 187 4.11 34.14 4.36
N GLY A 188 4.15 33.53 5.55
CA GLY A 188 5.25 32.65 5.91
C GLY A 188 5.44 31.64 4.80
N PRO A 189 6.70 31.36 4.45
CA PRO A 189 6.95 30.46 3.33
C PRO A 189 6.40 29.07 3.62
N VAL A 190 6.00 28.37 2.56
CA VAL A 190 5.35 27.09 2.71
C VAL A 190 5.94 26.10 1.74
N LEU A 191 5.76 24.82 2.04
CA LEU A 191 6.23 23.79 1.14
C LEU A 191 5.35 23.75 -0.09
N LEU A 192 5.97 23.93 -1.26
CA LEU A 192 5.32 23.70 -2.54
C LEU A 192 5.79 22.39 -3.11
N PRO A 193 4.85 21.47 -3.35
CA PRO A 193 5.24 20.12 -3.71
C PRO A 193 5.43 19.95 -5.20
N ASP A 194 5.89 18.77 -5.59
CA ASP A 194 5.88 18.36 -6.98
C ASP A 194 4.57 17.65 -7.20
N ASN A 195 4.32 17.23 -8.44
CA ASN A 195 3.11 16.49 -8.73
C ASN A 195 3.02 15.19 -7.94
N HIS A 196 1.92 15.04 -7.21
CA HIS A 196 1.65 13.81 -6.48
C HIS A 196 0.15 13.65 -6.31
N TYR A 197 -0.28 12.61 -5.61
CA TYR A 197 -1.71 12.41 -5.40
C TYR A 197 -2.05 11.86 -4.03
N LEU A 198 -3.25 12.17 -3.56
CA LEU A 198 -3.75 11.63 -2.31
C LEU A 198 -4.69 10.47 -2.59
N SER A 199 -4.40 9.32 -2.01
CA SER A 199 -5.26 8.15 -2.16
C SER A 199 -6.23 8.12 -0.99
N THR A 200 -7.51 8.33 -1.29
CA THR A 200 -8.51 8.53 -0.25
C THR A 200 -9.62 7.47 -0.31
N GLN A 201 -9.96 6.92 0.86
CA GLN A 201 -11.10 6.03 0.98
C GLN A 201 -12.01 6.46 2.12
N SER A 202 -13.32 6.55 1.85
CA SER A 202 -14.27 6.96 2.87
C SER A 202 -15.36 5.91 3.07
N VAL A 203 -15.92 5.88 4.27
CA VAL A 203 -17.04 4.99 4.58
C VAL A 203 -18.08 5.69 5.44
N LEU A 204 -19.35 5.61 5.03
CA LEU A 204 -20.42 6.34 5.70
C LEU A 204 -21.30 5.43 6.55
N SER A 205 -21.83 5.98 7.64
CA SER A 205 -22.68 5.23 8.56
C SER A 205 -23.55 6.17 9.39
N LYS A 206 -24.28 5.62 10.35
CA LYS A 206 -25.19 6.42 11.17
C LYS A 206 -25.05 6.13 12.67
N ASP A 207 -25.31 7.16 13.47
CA ASP A 207 -25.38 7.02 14.93
C ASP A 207 -26.81 6.65 15.32
N PRO A 208 -26.99 5.45 15.90
CA PRO A 208 -28.30 4.89 16.27
C PRO A 208 -29.12 5.80 17.18
N ASN A 209 -28.45 6.57 18.03
CA ASN A 209 -29.14 7.39 19.01
C ASN A 209 -29.39 8.81 18.55
N GLU A 210 -29.04 9.10 17.30
CA GLU A 210 -29.22 10.45 16.79
C GLU A 210 -30.42 10.51 15.85
N LYS A 211 -31.43 11.27 16.26
CA LYS A 211 -32.66 11.41 15.47
C LYS A 211 -32.57 12.57 14.48
N ARG A 212 -31.57 13.43 14.66
CA ARG A 212 -31.36 14.51 13.71
C ARG A 212 -30.74 13.99 12.43
N ASP A 213 -30.86 14.75 11.34
CA ASP A 213 -30.29 14.35 10.07
C ASP A 213 -28.78 14.50 10.15
N HIS A 214 -28.07 13.40 9.98
CA HIS A 214 -26.66 13.34 10.33
C HIS A 214 -25.83 12.42 9.43
N MET A 215 -24.51 12.54 9.51
CA MET A 215 -23.62 11.61 8.82
C MET A 215 -22.41 11.23 9.69
N VAL A 216 -22.17 9.94 9.82
CA VAL A 216 -20.97 9.45 10.51
C VAL A 216 -19.96 9.00 9.46
N LEU A 217 -18.76 9.56 9.52
CA LEU A 217 -17.79 9.38 8.45
C LEU A 217 -16.45 8.89 8.97
N LEU A 218 -15.96 7.80 8.39
CA LEU A 218 -14.62 7.31 8.65
C LEU A 218 -13.83 7.42 7.35
N GLU A 219 -12.63 7.98 7.43
CA GLU A 219 -11.86 8.27 6.22
C GLU A 219 -10.38 7.89 6.35
N PHE A 220 -9.80 7.46 5.25
CA PHE A 220 -8.38 7.11 5.21
C PHE A 220 -7.72 7.79 4.02
N VAL A 221 -6.79 8.69 4.30
CA VAL A 221 -6.06 9.39 3.26
C VAL A 221 -4.56 9.21 3.43
N THR A 222 -3.89 8.78 2.36
CA THR A 222 -2.44 8.64 2.37
C THR A 222 -1.84 9.14 1.07
N ALA A 223 -0.79 9.95 1.17
CA ALA A 223 -0.16 10.54 0.00
C ALA A 223 0.76 9.55 -0.71
N ALA A 224 0.92 9.74 -2.02
CA ALA A 224 1.75 8.85 -2.83
C ALA A 224 2.07 9.45 -4.19
N GLY A 225 2.82 8.70 -4.99
CA GLY A 225 3.12 9.05 -6.36
C GLY A 225 4.50 9.65 -6.58
N ILE A 226 5.25 9.84 -5.50
CA ILE A 226 6.66 10.23 -5.60
C ILE A 226 7.56 9.46 -4.65
N ALA A 227 8.54 8.77 -5.22
CA ALA A 227 9.52 8.01 -4.46
C ALA A 227 10.87 8.72 -4.48
N GLN A 228 11.53 8.74 -3.32
CA GLN A 228 12.84 9.37 -3.19
C GLN A 228 13.89 8.68 -4.06
N VAL A 229 13.65 7.40 -4.34
CA VAL A 229 14.55 6.60 -5.15
C VAL A 229 13.69 5.80 -6.13
N GLN A 230 14.10 5.73 -7.39
CA GLN A 230 13.27 5.05 -8.37
C GLN A 230 14.10 4.39 -9.48
N LEU A 231 13.68 3.20 -9.90
CA LEU A 231 14.34 2.48 -10.98
C LEU A 231 13.36 2.25 -12.12
N VAL A 232 13.78 2.58 -13.34
CA VAL A 232 12.95 2.35 -14.52
C VAL A 232 13.69 1.52 -15.56
N GLU A 233 13.24 0.30 -15.79
CA GLU A 233 13.83 -0.57 -16.80
C GLU A 233 13.32 -0.28 -18.20
N SER A 234 14.13 -0.58 -19.20
CA SER A 234 13.74 -0.45 -20.59
C SER A 234 14.44 -1.53 -21.41
N GLY A 235 13.95 -1.77 -22.62
CA GLY A 235 14.66 -2.63 -23.55
C GLY A 235 14.05 -3.99 -23.80
N GLY A 236 13.02 -4.35 -23.03
CA GLY A 236 12.37 -5.64 -23.19
C GLY A 236 11.70 -5.75 -24.54
N ALA A 237 11.80 -6.93 -25.15
CA ALA A 237 11.23 -7.14 -26.48
C ALA A 237 11.06 -8.62 -26.78
N LEU A 238 10.58 -8.93 -27.98
CA LEU A 238 10.52 -10.31 -28.44
C LEU A 238 11.79 -10.59 -29.23
N VAL A 239 12.39 -11.75 -29.01
CA VAL A 239 13.71 -12.03 -29.54
C VAL A 239 13.82 -13.51 -29.92
N GLN A 240 14.48 -13.77 -31.05
CA GLN A 240 14.66 -15.14 -31.51
C GLN A 240 15.66 -15.86 -30.61
N PRO A 241 15.48 -17.17 -30.40
CA PRO A 241 16.46 -17.97 -29.66
C PRO A 241 17.86 -17.83 -30.27
N GLY A 242 18.87 -17.69 -29.42
CA GLY A 242 20.24 -17.52 -29.89
C GLY A 242 20.56 -16.06 -30.18
N GLY A 243 19.53 -15.23 -30.12
CA GLY A 243 19.68 -13.81 -30.40
C GLY A 243 20.22 -13.04 -29.21
N SER A 244 20.08 -11.71 -29.26
CA SER A 244 20.62 -10.86 -28.21
C SER A 244 19.78 -9.61 -27.99
N LEU A 245 19.68 -9.19 -26.74
CA LEU A 245 19.16 -7.86 -26.43
C LEU A 245 19.81 -7.30 -25.17
N ARG A 246 19.70 -5.99 -25.02
CA ARG A 246 20.35 -5.29 -23.94
C ARG A 246 19.29 -4.53 -23.15
N LEU A 247 19.28 -4.72 -21.83
CA LEU A 247 18.33 -4.01 -20.99
C LEU A 247 19.03 -2.85 -20.31
N SER A 248 18.29 -1.76 -20.12
CA SER A 248 18.83 -0.60 -19.41
C SER A 248 17.88 -0.19 -18.30
N CYS A 249 18.44 0.27 -17.19
CA CYS A 249 17.64 0.79 -16.10
C CYS A 249 18.12 2.20 -15.74
N ALA A 250 17.17 3.14 -15.71
CA ALA A 250 17.48 4.50 -15.33
C ALA A 250 17.19 4.69 -13.85
N ALA A 251 18.21 5.11 -13.11
CA ALA A 251 18.07 5.27 -11.66
C ALA A 251 17.96 6.73 -11.27
N SER A 252 17.17 7.00 -10.24
CA SER A 252 16.97 8.36 -9.77
C SER A 252 16.96 8.38 -8.25
N GLY A 253 17.53 9.43 -7.66
CA GLY A 253 17.50 9.59 -6.22
C GLY A 253 18.76 9.15 -5.50
N PHE A 254 19.78 8.75 -6.26
CA PHE A 254 21.01 8.23 -5.69
C PHE A 254 22.04 7.98 -6.77
N PRO A 255 23.33 8.17 -6.43
CA PRO A 255 24.41 7.87 -7.36
C PRO A 255 24.54 6.36 -7.60
N VAL A 256 24.62 5.99 -8.87
CA VAL A 256 24.72 4.58 -9.26
C VAL A 256 26.07 3.98 -8.86
N ASN A 257 27.05 4.85 -8.65
CA ASN A 257 28.40 4.39 -8.31
C ASN A 257 28.70 4.25 -6.82
N ARG A 258 27.76 4.65 -5.96
CA ARG A 258 27.93 4.42 -4.52
C ARG A 258 27.14 3.23 -3.98
N TYR A 259 26.41 2.54 -4.85
CA TYR A 259 25.56 1.43 -4.43
C TYR A 259 25.63 0.26 -5.41
N SER A 260 25.51 -0.95 -4.87
CA SER A 260 25.45 -2.14 -5.71
C SER A 260 24.09 -2.22 -6.39
N MET A 261 24.09 -2.66 -7.65
CA MET A 261 22.85 -2.81 -8.39
C MET A 261 22.75 -4.26 -8.86
N ARG A 262 21.56 -4.81 -8.81
CA ARG A 262 21.34 -6.18 -9.24
C ARG A 262 20.19 -6.32 -10.21
N TRP A 263 20.22 -7.40 -10.99
CA TRP A 263 19.11 -7.74 -11.86
C TRP A 263 18.44 -9.00 -11.34
N TYR A 264 17.11 -8.99 -11.35
CA TYR A 264 16.32 -10.17 -10.99
C TYR A 264 15.41 -10.45 -12.18
N ARG A 265 14.90 -11.67 -12.24
CA ARG A 265 13.91 -12.02 -13.26
C ARG A 265 12.87 -12.99 -12.71
N GLN A 266 11.66 -12.88 -13.23
CA GLN A 266 10.60 -13.80 -12.83
C GLN A 266 9.94 -14.41 -14.06
N ALA A 267 10.12 -15.72 -14.21
CA ALA A 267 9.48 -16.45 -15.31
C ALA A 267 8.03 -16.71 -14.89
N PRO A 268 7.14 -16.88 -15.88
CA PRO A 268 5.73 -17.07 -15.52
C PRO A 268 5.52 -18.32 -14.68
N GLY A 269 4.86 -18.17 -13.54
CA GLY A 269 4.59 -19.30 -12.66
C GLY A 269 5.75 -19.63 -11.73
N LYS A 270 6.94 -19.13 -12.03
CA LYS A 270 8.10 -19.37 -11.15
C LYS A 270 8.32 -18.26 -10.14
N GLU A 271 9.25 -18.49 -9.23
CA GLU A 271 9.67 -17.49 -8.27
C GLU A 271 10.75 -16.58 -8.85
N ARG A 272 10.76 -15.34 -8.38
CA ARG A 272 11.73 -14.35 -8.83
C ARG A 272 13.13 -14.78 -8.40
N GLU A 273 14.07 -14.79 -9.33
CA GLU A 273 15.43 -15.21 -9.04
C GLU A 273 16.44 -14.12 -9.35
N TRP A 274 17.54 -14.12 -8.60
CA TRP A 274 18.65 -13.22 -8.87
C TRP A 274 19.44 -13.68 -10.10
N VAL A 275 19.72 -12.76 -11.00
CA VAL A 275 20.47 -13.08 -12.22
C VAL A 275 21.89 -12.50 -12.19
N ALA A 276 22.01 -11.18 -12.05
CA ALA A 276 23.31 -10.53 -12.11
C ALA A 276 23.38 -9.33 -11.17
N GLY A 277 24.60 -8.94 -10.81
CA GLY A 277 24.82 -7.77 -9.98
C GLY A 277 26.26 -7.30 -10.01
N MET A 278 26.49 -6.07 -9.58
CA MET A 278 27.84 -5.53 -9.50
C MET A 278 28.07 -4.77 -8.20
N SER A 279 29.31 -4.79 -7.71
CA SER A 279 29.66 -4.13 -6.46
C SER A 279 29.43 -2.63 -6.52
N SER A 280 29.18 -2.02 -5.37
CA SER A 280 29.00 -0.58 -5.28
C SER A 280 30.21 0.15 -5.86
N ALA A 281 31.40 -0.38 -5.61
CA ALA A 281 32.63 0.22 -6.12
C ALA A 281 32.76 0.01 -7.63
N GLY A 282 32.21 -1.10 -8.12
CA GLY A 282 32.28 -1.39 -9.54
C GLY A 282 33.43 -2.31 -9.88
N ASP A 283 34.14 -2.78 -8.85
CA ASP A 283 35.32 -3.61 -9.03
C ASP A 283 34.99 -5.10 -9.15
N ARG A 284 33.77 -5.48 -8.79
CA ARG A 284 33.33 -6.86 -8.92
C ARG A 284 31.93 -6.94 -9.51
N SER A 285 31.69 -7.94 -10.34
CA SER A 285 30.35 -8.25 -10.82
C SER A 285 30.11 -9.77 -10.78
N SER A 286 28.88 -10.17 -10.50
CA SER A 286 28.56 -11.60 -10.36
C SER A 286 27.37 -12.01 -11.20
N TYR A 287 27.33 -13.30 -11.57
CA TYR A 287 26.26 -13.83 -12.40
C TYR A 287 25.84 -15.22 -11.92
N GLU A 288 24.55 -15.53 -12.04
CA GLU A 288 24.06 -16.86 -11.70
C GLU A 288 24.46 -17.90 -12.75
N ASP A 289 24.45 -19.17 -12.35
CA ASP A 289 24.95 -20.26 -13.20
C ASP A 289 24.19 -20.36 -14.53
N SER A 290 22.88 -20.11 -14.49
CA SER A 290 22.05 -20.18 -15.69
C SER A 290 22.58 -19.26 -16.78
N VAL A 291 22.98 -18.05 -16.38
CA VAL A 291 23.40 -17.02 -17.32
C VAL A 291 24.91 -16.84 -17.49
N LYS A 292 25.73 -17.63 -16.80
CA LYS A 292 27.17 -17.37 -16.77
C LYS A 292 27.86 -17.39 -18.13
N GLY A 293 28.57 -16.31 -18.44
CA GLY A 293 29.32 -16.16 -19.67
C GLY A 293 28.47 -15.59 -20.78
N ARG A 294 27.16 -15.79 -20.69
CA ARG A 294 26.21 -15.24 -21.63
C ARG A 294 25.81 -13.80 -21.31
N PHE A 295 25.72 -13.49 -20.02
CA PHE A 295 25.21 -12.19 -19.60
C PHE A 295 26.34 -11.30 -19.11
N THR A 296 26.19 -9.99 -19.32
CA THR A 296 27.18 -9.05 -18.85
C THR A 296 26.52 -7.80 -18.29
N ILE A 297 26.88 -7.46 -17.05
CA ILE A 297 26.35 -6.28 -16.39
C ILE A 297 27.37 -5.16 -16.41
N SER A 298 26.90 -3.92 -16.50
CA SER A 298 27.77 -2.76 -16.47
C SER A 298 26.94 -1.55 -16.07
N ARG A 299 27.60 -0.43 -15.86
CA ARG A 299 26.91 0.79 -15.50
C ARG A 299 27.59 2.02 -16.09
N ASP A 300 26.82 3.07 -16.30
CA ASP A 300 27.37 4.32 -16.80
C ASP A 300 27.17 5.33 -15.68
N ASP A 301 28.27 5.71 -15.03
CA ASP A 301 28.22 6.63 -13.90
C ASP A 301 27.66 7.98 -14.30
N ALA A 302 27.99 8.42 -15.52
CA ALA A 302 27.57 9.72 -16.02
C ALA A 302 26.06 9.82 -16.18
N ARG A 303 25.47 8.87 -16.91
CA ARG A 303 24.03 8.89 -17.15
C ARG A 303 23.25 8.29 -15.99
N ASN A 304 23.97 7.83 -14.97
CA ASN A 304 23.36 7.17 -13.82
C ASN A 304 22.45 6.03 -14.23
N THR A 305 22.95 5.17 -15.11
CA THR A 305 22.17 4.07 -15.65
C THR A 305 22.91 2.75 -15.55
N VAL A 306 22.15 1.65 -15.51
CA VAL A 306 22.71 0.32 -15.39
C VAL A 306 22.25 -0.53 -16.57
N TYR A 307 23.12 -1.42 -17.03
CA TYR A 307 22.81 -2.24 -18.20
C TYR A 307 22.91 -3.73 -17.92
N LEU A 308 22.23 -4.51 -18.74
CA LEU A 308 22.42 -5.95 -18.77
C LEU A 308 22.47 -6.42 -20.21
N GLN A 309 23.61 -6.95 -20.63
CA GLN A 309 23.75 -7.48 -21.98
C GLN A 309 23.43 -8.97 -21.97
N MET A 310 22.49 -9.36 -22.81
CA MET A 310 22.05 -10.75 -22.85
C MET A 310 22.35 -11.37 -24.22
N ASN A 311 23.17 -12.41 -24.21
CA ASN A 311 23.60 -13.06 -25.45
C ASN A 311 23.22 -14.54 -25.47
N SER A 312 23.11 -15.09 -26.68
CA SER A 312 22.76 -16.50 -26.87
C SER A 312 21.51 -16.87 -26.09
N LEU A 313 20.47 -16.05 -26.26
CA LEU A 313 19.23 -16.22 -25.50
C LEU A 313 18.52 -17.55 -25.76
N LYS A 314 17.97 -18.11 -24.68
CA LYS A 314 17.20 -19.34 -24.75
C LYS A 314 15.77 -19.00 -24.33
N PRO A 315 14.80 -19.84 -24.72
CA PRO A 315 13.41 -19.67 -24.28
C PRO A 315 13.27 -19.50 -22.76
N GLU A 316 14.14 -20.17 -22.00
CA GLU A 316 14.08 -20.10 -20.53
C GLU A 316 14.44 -18.72 -19.99
N ASP A 317 14.98 -17.85 -20.85
CA ASP A 317 15.33 -16.50 -20.44
C ASP A 317 14.10 -15.61 -20.47
N THR A 318 13.01 -16.13 -21.03
CA THR A 318 11.75 -15.40 -21.05
C THR A 318 11.30 -15.17 -19.62
N ALA A 319 11.07 -13.90 -19.28
CA ALA A 319 10.70 -13.49 -17.94
C ALA A 319 10.52 -11.98 -17.91
N VAL A 320 10.02 -11.47 -16.79
CA VAL A 320 10.05 -10.04 -16.56
C VAL A 320 11.32 -9.74 -15.78
N TYR A 321 12.16 -8.87 -16.32
CA TYR A 321 13.44 -8.58 -15.70
C TYR A 321 13.35 -7.31 -14.86
N TYR A 322 13.80 -7.41 -13.62
CA TYR A 322 13.73 -6.29 -12.69
C TYR A 322 15.12 -5.87 -12.29
N CYS A 323 15.28 -4.59 -11.97
CA CYS A 323 16.54 -4.09 -11.45
C CYS A 323 16.34 -3.76 -9.98
N ASN A 324 17.40 -3.87 -9.20
CA ASN A 324 17.25 -3.82 -7.75
C ASN A 324 18.39 -3.05 -7.08
N VAL A 325 18.02 -2.26 -6.09
CA VAL A 325 19.02 -1.53 -5.30
C VAL A 325 18.51 -1.38 -3.87
N ASN A 326 19.44 -1.35 -2.92
CA ASN A 326 19.06 -1.05 -1.55
C ASN A 326 19.76 0.24 -1.11
N VAL A 327 19.01 1.33 -1.01
CA VAL A 327 19.51 2.49 -0.28
C VAL A 327 18.55 2.63 0.92
N GLY A 328 18.98 2.07 2.03
CA GLY A 328 18.22 2.09 3.28
C GLY A 328 17.01 1.18 3.23
N PHE A 329 16.48 1.01 2.02
CA PHE A 329 15.33 0.19 1.76
C PHE A 329 15.57 -0.50 0.43
N GLU A 330 14.91 -1.63 0.20
CA GLU A 330 14.99 -2.29 -1.10
C GLU A 330 14.05 -1.58 -2.07
N TYR A 331 14.52 -1.40 -3.31
CA TYR A 331 13.69 -0.79 -4.34
C TYR A 331 13.70 -1.64 -5.58
N TRP A 332 12.56 -1.69 -6.26
CA TRP A 332 12.46 -2.40 -7.51
C TRP A 332 11.99 -1.46 -8.59
N GLY A 333 12.21 -1.84 -9.84
CA GLY A 333 11.61 -1.14 -10.95
C GLY A 333 10.29 -1.83 -11.25
N GLN A 334 9.55 -1.32 -12.21
CA GLN A 334 8.29 -1.94 -12.62
C GLN A 334 8.58 -3.19 -13.43
N GLY A 335 9.79 -3.26 -13.97
CA GLY A 335 10.21 -4.41 -14.75
C GLY A 335 10.04 -4.19 -16.24
N THR A 336 10.64 -5.07 -17.03
CA THR A 336 10.49 -5.04 -18.48
C THR A 336 10.47 -6.46 -19.02
N GLN A 337 9.56 -6.71 -19.95
CA GLN A 337 9.29 -8.07 -20.39
C GLN A 337 10.16 -8.45 -21.58
N VAL A 338 10.94 -9.52 -21.42
CA VAL A 338 11.65 -10.10 -22.55
C VAL A 338 11.09 -11.48 -22.88
N THR A 339 10.81 -11.69 -24.16
CA THR A 339 10.24 -12.95 -24.62
C THR A 339 11.16 -13.57 -25.65
N VAL A 340 11.53 -14.82 -25.43
CA VAL A 340 12.37 -15.52 -26.39
C VAL A 340 11.57 -16.65 -27.01
N SER A 341 11.19 -16.48 -28.26
CA SER A 341 10.45 -17.49 -28.99
C SER A 341 10.61 -17.28 -30.49
N HIS A 342 10.36 -18.34 -31.26
CA HIS A 342 10.36 -18.26 -32.71
C HIS A 342 9.24 -17.39 -33.27
N HIS A 343 9.42 -16.99 -34.53
CA HIS A 343 8.45 -16.21 -35.27
C HIS A 343 7.41 -17.10 -35.95
N LYS B 2 -7.65 -9.73 23.41
CA LYS B 2 -7.40 -9.78 24.84
C LYS B 2 -5.99 -9.29 25.15
N GLY B 3 -5.00 -9.91 24.51
CA GLY B 3 -3.62 -9.54 24.67
C GLY B 3 -3.23 -8.31 23.86
N GLU B 4 -4.09 -7.99 22.90
CA GLU B 4 -3.88 -6.87 21.99
C GLU B 4 -3.75 -5.57 22.76
N GLU B 5 -4.49 -5.48 23.87
CA GLU B 5 -4.56 -4.27 24.68
C GLU B 5 -3.19 -3.84 25.21
N LEU B 6 -2.29 -4.82 25.33
CA LEU B 6 -0.94 -4.58 25.82
C LEU B 6 -0.09 -3.79 24.84
N PHE B 7 -0.39 -3.94 23.55
CA PHE B 7 0.41 -3.34 22.49
C PHE B 7 -0.11 -1.99 21.99
N THR B 8 -1.15 -1.47 22.65
CA THR B 8 -1.75 -0.21 22.26
C THR B 8 -0.76 0.94 22.32
N GLY B 9 0.15 0.87 23.29
CA GLY B 9 1.16 1.90 23.47
C GLY B 9 2.54 1.48 23.02
N VAL B 10 3.51 2.39 23.18
CA VAL B 10 4.89 2.04 22.93
C VAL B 10 5.39 1.11 24.03
N VAL B 11 5.90 -0.04 23.63
CA VAL B 11 6.35 -1.04 24.59
C VAL B 11 7.86 -1.22 24.57
N PRO B 12 8.50 -1.08 25.74
CA PRO B 12 9.94 -1.30 25.86
C PRO B 12 10.28 -2.74 25.50
N ILE B 13 11.36 -2.91 24.74
CA ILE B 13 11.77 -4.24 24.30
C ILE B 13 13.15 -4.60 24.84
N LEU B 14 13.32 -5.85 25.20
CA LEU B 14 14.62 -6.36 25.57
C LEU B 14 14.90 -7.62 24.75
N VAL B 15 16.07 -7.67 24.12
CA VAL B 15 16.45 -8.84 23.35
C VAL B 15 17.75 -9.41 23.90
N GLU B 16 17.75 -10.72 24.14
CA GLU B 16 18.94 -11.40 24.66
C GLU B 16 19.24 -12.69 23.91
N LEU B 17 20.42 -12.75 23.30
CA LEU B 17 20.79 -13.88 22.47
C LEU B 17 22.15 -14.47 22.90
N ASP B 18 22.19 -15.78 23.09
CA ASP B 18 23.45 -16.48 23.34
C ASP B 18 23.69 -17.37 22.16
N GLY B 19 24.70 -17.02 21.36
CA GLY B 19 24.99 -17.83 20.19
C GLY B 19 26.23 -18.69 20.23
N ASP B 20 26.20 -19.72 19.40
CA ASP B 20 27.37 -20.52 19.09
C ASP B 20 27.29 -20.85 17.60
N VAL B 21 28.25 -20.39 16.82
CA VAL B 21 28.33 -20.74 15.40
C VAL B 21 29.70 -21.31 15.03
N ASN B 22 29.71 -22.58 14.62
CA ASN B 22 30.96 -23.29 14.32
C ASN B 22 31.96 -23.26 15.47
N GLY B 23 31.45 -23.20 16.70
CA GLY B 23 32.31 -23.13 17.87
C GLY B 23 32.57 -21.70 18.30
N HIS B 24 32.36 -20.75 17.39
CA HIS B 24 32.52 -19.34 17.72
C HIS B 24 31.34 -18.92 18.58
N LYS B 25 31.62 -18.45 19.77
CA LYS B 25 30.57 -18.13 20.72
C LYS B 25 30.47 -16.62 20.94
N PHE B 26 29.25 -16.15 21.18
CA PHE B 26 29.02 -14.73 21.37
C PHE B 26 27.71 -14.48 22.09
N SER B 27 27.47 -13.22 22.43
CA SER B 27 26.24 -12.83 23.10
C SER B 27 25.78 -11.50 22.54
N VAL B 28 24.49 -11.36 22.32
CA VAL B 28 23.94 -10.11 21.83
C VAL B 28 22.88 -9.63 22.80
N ARG B 29 22.86 -8.32 23.03
CA ARG B 29 21.91 -7.71 23.93
C ARG B 29 21.37 -6.51 23.20
N GLY B 30 20.07 -6.27 23.33
CA GLY B 30 19.46 -5.14 22.65
C GLY B 30 18.30 -4.55 23.40
N GLU B 31 18.01 -3.29 23.10
CA GLU B 31 16.96 -2.56 23.80
C GLU B 31 16.34 -1.52 22.87
N GLY B 32 15.10 -1.15 23.15
CA GLY B 32 14.38 -0.21 22.31
C GLY B 32 12.90 -0.17 22.61
N GLU B 33 12.11 0.23 21.63
CA GLU B 33 10.66 0.31 21.80
C GLU B 33 9.96 -0.16 20.54
N GLY B 34 9.00 -1.06 20.69
CA GLY B 34 8.14 -1.39 19.57
C GLY B 34 6.85 -0.60 19.67
N ASP B 35 6.26 -0.31 18.51
CA ASP B 35 4.93 0.26 18.47
C ASP B 35 4.11 -0.51 17.46
N ALA B 36 3.13 -1.28 17.95
CA ALA B 36 2.32 -2.11 17.09
C ALA B 36 1.32 -1.22 16.43
N THR B 37 1.05 -0.11 17.10
CA THR B 37 0.08 0.83 16.60
C THR B 37 0.55 1.38 15.26
N ASN B 38 1.87 1.57 15.12
CA ASN B 38 2.40 1.95 13.82
C ASN B 38 3.10 0.80 13.08
N GLY B 39 3.20 -0.35 13.75
CA GLY B 39 3.95 -1.46 13.19
C GLY B 39 5.44 -1.14 13.12
N LYS B 40 5.91 -0.31 14.05
CA LYS B 40 7.27 0.18 14.06
C LYS B 40 8.17 -0.39 15.15
N LEU B 41 9.45 -0.58 14.82
CA LEU B 41 10.44 -1.05 15.77
C LEU B 41 11.66 -0.12 15.74
N THR B 42 12.21 0.17 16.91
CA THR B 42 13.49 0.88 17.00
C THR B 42 14.34 0.21 18.06
N LEU B 43 15.47 -0.34 17.64
CA LEU B 43 16.33 -1.11 18.55
C LEU B 43 17.81 -0.86 18.31
N LYS B 44 18.61 -1.07 19.35
CA LYS B 44 20.05 -1.04 19.24
C LYS B 44 20.60 -2.30 19.87
N PHE B 45 21.43 -3.01 19.13
CA PHE B 45 21.96 -4.28 19.60
C PHE B 45 23.46 -4.15 19.81
N ILE B 46 24.01 -4.93 20.72
CA ILE B 46 25.43 -4.86 21.02
C ILE B 46 25.98 -6.26 21.23
N CYS B 47 27.10 -6.57 20.59
CA CYS B 47 27.79 -7.80 20.93
C CYS B 47 28.57 -7.49 22.21
N THR B 48 28.22 -8.20 23.28
CA THR B 48 28.78 -7.91 24.59
C THR B 48 30.05 -8.73 24.80
N THR B 49 30.29 -9.63 23.86
CA THR B 49 31.43 -10.54 23.90
C THR B 49 32.65 -10.03 23.12
N GLY B 50 32.61 -8.79 22.66
CA GLY B 50 33.59 -8.33 21.70
C GLY B 50 33.08 -8.42 20.27
N LYS B 51 33.96 -8.74 19.32
CA LYS B 51 33.61 -8.68 17.90
C LYS B 51 32.69 -9.84 17.49
N LEU B 52 31.68 -9.51 16.70
CA LEU B 52 30.68 -10.49 16.24
C LEU B 52 31.24 -11.38 15.12
N PRO B 53 31.25 -12.71 15.33
CA PRO B 53 31.81 -13.67 14.39
C PRO B 53 30.98 -13.84 13.11
N VAL B 54 29.74 -13.39 13.12
CA VAL B 54 28.88 -13.48 11.95
C VAL B 54 28.41 -12.08 11.56
N PRO B 55 27.94 -11.90 10.32
CA PRO B 55 27.44 -10.58 9.94
C PRO B 55 26.14 -10.26 10.68
N TRP B 56 25.96 -9.00 11.04
CA TRP B 56 24.74 -8.53 11.69
C TRP B 56 23.45 -8.85 10.92
N PRO B 57 23.45 -8.72 9.57
CA PRO B 57 22.22 -9.05 8.84
C PRO B 57 21.73 -10.48 9.02
N THR B 58 22.63 -11.42 9.28
CA THR B 58 22.23 -12.82 9.44
C THR B 58 21.47 -13.03 10.75
N LEU B 59 21.57 -12.08 11.66
CA LEU B 59 20.91 -12.18 12.95
C LEU B 59 19.58 -11.42 13.02
N VAL B 60 19.25 -10.70 11.95
CA VAL B 60 18.10 -9.80 11.97
C VAL B 60 16.77 -10.50 12.23
N THR B 61 16.49 -11.56 11.48
CA THR B 61 15.24 -12.28 11.60
C THR B 61 15.10 -12.98 12.95
N THR B 62 16.24 -13.32 13.56
CA THR B 62 16.25 -13.98 14.86
C THR B 62 16.06 -12.99 16.01
N LEU B 63 16.65 -11.80 15.89
CA LEU B 63 16.57 -10.80 16.95
C LEU B 63 15.20 -10.14 17.00
N1 CRO B 64 14.72 -10.22 15.77
CA1 CRO B 64 13.51 -9.52 15.42
CB1 CRO B 64 13.90 -8.21 14.73
CG1 CRO B 64 12.69 -7.41 14.29
OG1 CRO B 64 14.63 -7.41 15.67
C1 CRO B 64 12.66 -10.41 14.59
N2 CRO B 64 12.43 -10.30 13.23
N3 CRO B 64 12.02 -11.49 15.09
C2 CRO B 64 11.40 -12.04 14.07
O2 CRO B 64 10.69 -13.10 14.16
CA2 CRO B 64 11.62 -11.30 12.81
CA3 CRO B 64 12.03 -11.99 16.47
C3 CRO B 64 10.75 -11.64 17.17
O3 CRO B 64 10.46 -12.21 18.22
CB2 CRO B 64 11.04 -11.67 11.46
CG2 CRO B 64 11.50 -10.89 10.24
CD1 CRO B 64 12.00 -9.59 10.32
CD2 CRO B 64 11.41 -11.51 9.00
CE1 CRO B 64 12.40 -8.93 9.16
CE2 CRO B 64 11.80 -10.85 7.85
CZ CRO B 64 12.31 -9.56 7.92
OH CRO B 64 12.70 -8.92 6.79
N VAL B 65 10.47 -10.36 17.08
CA VAL B 65 9.35 -9.97 17.93
C VAL B 65 8.13 -9.59 17.10
N GLN B 66 7.61 -10.56 16.36
CA GLN B 66 6.54 -10.34 15.39
C GLN B 66 5.22 -9.88 16.02
N CYS B 67 5.15 -9.89 17.35
CA CYS B 67 3.98 -9.39 18.05
C CYS B 67 3.81 -7.87 17.89
N PHE B 68 4.82 -7.23 17.31
CA PHE B 68 4.75 -5.80 17.05
C PHE B 68 4.32 -5.47 15.62
N SER B 69 3.97 -6.49 14.85
CA SER B 69 3.46 -6.28 13.51
C SER B 69 2.14 -5.53 13.57
N ARG B 70 1.86 -4.73 12.54
CA ARG B 70 0.60 -4.00 12.48
C ARG B 70 -0.44 -4.82 11.73
N TYR B 71 -1.45 -5.28 12.46
CA TYR B 71 -2.56 -5.99 11.85
C TYR B 71 -3.71 -5.02 11.63
N PRO B 72 -4.12 -4.83 10.37
CA PRO B 72 -5.25 -3.93 10.08
C PRO B 72 -6.51 -4.50 10.71
N ASP B 73 -7.50 -3.64 10.96
CA ASP B 73 -8.67 -4.02 11.74
C ASP B 73 -9.31 -5.31 11.26
N HIS B 74 -9.48 -5.42 9.94
CA HIS B 74 -10.10 -6.59 9.34
C HIS B 74 -9.35 -7.90 9.61
N MET B 75 -8.03 -7.82 9.75
CA MET B 75 -7.24 -9.02 10.01
C MET B 75 -6.88 -9.27 11.48
N LYS B 76 -7.38 -8.42 12.38
CA LYS B 76 -7.02 -8.53 13.79
C LYS B 76 -7.39 -9.89 14.41
N ARG B 77 -8.33 -10.59 13.78
CA ARG B 77 -8.72 -11.91 14.25
C ARG B 77 -7.63 -12.93 13.95
N HIS B 78 -6.74 -12.57 13.01
CA HIS B 78 -5.68 -13.45 12.54
C HIS B 78 -4.36 -13.27 13.26
N ASP B 79 -4.34 -12.43 14.29
CA ASP B 79 -3.07 -12.15 14.95
C ASP B 79 -2.89 -13.13 16.10
N PHE B 80 -1.99 -14.09 15.91
CA PHE B 80 -1.67 -15.08 16.92
C PHE B 80 -0.76 -14.48 17.98
N PHE B 81 0.15 -13.62 17.52
CA PHE B 81 1.25 -13.14 18.32
C PHE B 81 0.81 -12.40 19.58
N LYS B 82 -0.09 -11.44 19.42
CA LYS B 82 -0.58 -10.67 20.55
C LYS B 82 -1.55 -11.47 21.41
N SER B 83 -2.19 -12.47 20.80
CA SER B 83 -3.18 -13.27 21.49
C SER B 83 -2.57 -14.21 22.53
N ALA B 84 -1.29 -14.51 22.37
CA ALA B 84 -0.60 -15.43 23.28
C ALA B 84 0.07 -14.69 24.44
N MET B 85 0.09 -13.36 24.36
CA MET B 85 0.70 -12.52 25.37
C MET B 85 -0.28 -12.28 26.51
N PRO B 86 0.21 -11.87 27.70
CA PRO B 86 1.58 -11.62 28.16
C PRO B 86 2.41 -12.89 28.38
N GLU B 87 1.75 -14.03 28.50
CA GLU B 87 2.44 -15.29 28.80
C GLU B 87 3.41 -15.69 27.68
N GLY B 88 3.08 -15.31 26.46
CA GLY B 88 4.01 -15.41 25.34
C GLY B 88 4.03 -16.70 24.54
N TYR B 89 4.99 -16.78 23.62
CA TYR B 89 5.12 -17.93 22.74
C TYR B 89 6.57 -18.37 22.55
N VAL B 90 6.74 -19.62 22.13
CA VAL B 90 8.06 -20.13 21.76
C VAL B 90 8.22 -20.00 20.25
N GLN B 91 9.29 -19.34 19.82
CA GLN B 91 9.56 -19.23 18.39
C GLN B 91 10.81 -20.02 18.01
N GLU B 92 10.63 -20.95 17.08
CA GLU B 92 11.71 -21.84 16.67
C GLU B 92 11.96 -21.73 15.17
N ARG B 93 13.22 -21.60 14.78
CA ARG B 93 13.56 -21.55 13.36
C ARG B 93 14.72 -22.46 12.98
N THR B 94 14.66 -22.96 11.75
CA THR B 94 15.82 -23.57 11.10
C THR B 94 16.12 -22.70 9.89
N ILE B 95 17.31 -22.11 9.88
CA ILE B 95 17.68 -21.20 8.81
C ILE B 95 18.81 -21.77 7.96
N SER B 96 18.49 -22.08 6.71
CA SER B 96 19.47 -22.69 5.83
C SER B 96 20.06 -21.66 4.87
N PHE B 97 21.32 -21.32 5.08
CA PHE B 97 22.03 -20.48 4.13
C PHE B 97 22.48 -21.36 2.97
N LYS B 98 22.13 -20.96 1.74
CA LYS B 98 22.40 -21.80 0.58
C LYS B 98 23.90 -21.96 0.34
N ASP B 99 24.31 -23.21 0.08
CA ASP B 99 25.71 -23.57 -0.12
C ASP B 99 26.58 -23.22 1.10
N ASP B 100 25.95 -23.20 2.27
CA ASP B 100 26.65 -22.85 3.51
C ASP B 100 25.94 -23.47 4.71
N GLY B 101 26.30 -23.02 5.91
CA GLY B 101 25.79 -23.63 7.12
C GLY B 101 24.35 -23.31 7.50
N THR B 102 23.97 -23.71 8.70
CA THR B 102 22.59 -23.55 9.16
C THR B 102 22.51 -22.99 10.58
N TYR B 103 21.58 -22.07 10.80
CA TYR B 103 21.24 -21.63 12.15
C TYR B 103 20.06 -22.45 12.63
N LYS B 104 20.11 -22.92 13.87
CA LYS B 104 18.92 -23.43 14.54
C LYS B 104 18.66 -22.59 15.77
N THR B 105 17.45 -22.06 15.88
CA THR B 105 17.13 -21.11 16.95
C THR B 105 15.91 -21.50 17.78
N ARG B 106 15.96 -21.16 19.07
CA ARG B 106 14.80 -21.31 19.94
C ARG B 106 14.68 -20.06 20.79
N ALA B 107 13.52 -19.41 20.73
CA ALA B 107 13.33 -18.17 21.45
C ALA B 107 12.03 -18.19 22.25
N GLU B 108 12.03 -17.43 23.35
CA GLU B 108 10.80 -17.20 24.09
C GLU B 108 10.51 -15.71 24.13
N VAL B 109 9.34 -15.32 23.62
CA VAL B 109 8.94 -13.92 23.67
C VAL B 109 7.76 -13.80 24.61
N LYS B 110 8.00 -13.20 25.77
CA LYS B 110 6.96 -13.00 26.77
C LYS B 110 7.10 -11.64 27.42
N PHE B 111 6.09 -11.23 28.16
CA PHE B 111 6.20 -10.03 28.97
C PHE B 111 6.83 -10.34 30.31
N GLU B 112 7.77 -9.50 30.73
CA GLU B 112 8.28 -9.55 32.09
C GLU B 112 8.16 -8.14 32.62
N GLY B 113 7.26 -7.95 33.57
CA GLY B 113 6.91 -6.60 34.00
C GLY B 113 6.24 -5.86 32.85
N ASP B 114 6.72 -4.66 32.58
CA ASP B 114 6.20 -3.85 31.47
C ASP B 114 7.00 -4.11 30.21
N THR B 115 8.05 -4.91 30.33
CA THR B 115 8.98 -5.14 29.23
C THR B 115 8.68 -6.43 28.47
N LEU B 116 8.62 -6.33 27.14
CA LEU B 116 8.49 -7.52 26.30
C LEU B 116 9.87 -8.06 26.00
N VAL B 117 10.10 -9.33 26.32
CA VAL B 117 11.44 -9.89 26.25
C VAL B 117 11.57 -11.00 25.23
N ASN B 118 12.49 -10.84 24.30
CA ASN B 118 12.85 -11.91 23.38
C ASN B 118 14.18 -12.51 23.81
N ARG B 119 14.15 -13.76 24.25
CA ARG B 119 15.36 -14.43 24.71
C ARG B 119 15.65 -15.64 23.82
N ILE B 120 16.80 -15.61 23.16
CA ILE B 120 17.09 -16.59 22.12
C ILE B 120 18.35 -17.39 22.38
N GLU B 121 18.28 -18.70 22.11
CA GLU B 121 19.47 -19.52 22.02
C GLU B 121 19.68 -19.82 20.54
N LEU B 122 20.89 -19.63 20.04
CA LEU B 122 21.16 -19.84 18.62
C LEU B 122 22.35 -20.77 18.44
N LYS B 123 22.20 -21.77 17.58
CA LYS B 123 23.26 -22.72 17.32
C LYS B 123 23.50 -22.84 15.82
N GLY B 124 24.65 -22.35 15.36
CA GLY B 124 25.05 -22.52 13.98
C GLY B 124 25.98 -23.71 13.77
N ILE B 125 25.90 -24.35 12.60
CA ILE B 125 26.81 -25.44 12.24
C ILE B 125 27.07 -25.47 10.74
N ASP B 126 28.13 -26.18 10.35
CA ASP B 126 28.44 -26.45 8.94
C ASP B 126 28.75 -25.20 8.11
N PHE B 127 29.16 -24.12 8.76
CA PHE B 127 29.53 -22.93 8.02
C PHE B 127 30.96 -22.99 7.50
N LYS B 128 31.16 -22.50 6.29
CA LYS B 128 32.48 -22.41 5.69
C LYS B 128 33.18 -21.17 6.23
N GLU B 129 34.37 -21.36 6.79
CA GLU B 129 35.13 -20.24 7.34
C GLU B 129 35.49 -19.23 6.26
N ASP B 130 35.57 -19.71 5.01
CA ASP B 130 35.87 -18.86 3.88
C ASP B 130 34.62 -18.39 3.13
N GLY B 131 33.45 -18.76 3.65
CA GLY B 131 32.20 -18.44 2.99
C GLY B 131 31.69 -17.03 3.27
N ASN B 132 30.47 -16.75 2.84
CA ASN B 132 29.90 -15.41 2.98
C ASN B 132 29.55 -14.98 4.40
N ILE B 133 29.28 -15.95 5.28
CA ILE B 133 28.90 -15.62 6.65
C ILE B 133 30.12 -15.45 7.54
N LEU B 134 30.86 -16.52 7.78
CA LEU B 134 32.06 -16.46 8.61
C LEU B 134 33.15 -15.60 7.97
N GLY B 135 33.10 -15.47 6.65
CA GLY B 135 34.05 -14.63 5.94
C GLY B 135 33.59 -13.19 5.77
N HIS B 136 32.46 -12.85 6.38
CA HIS B 136 31.95 -11.47 6.39
C HIS B 136 31.85 -10.81 5.02
N LYS B 137 31.20 -11.48 4.08
CA LYS B 137 31.06 -10.95 2.71
C LYS B 137 29.72 -10.25 2.44
N LEU B 138 28.88 -10.13 3.46
CA LEU B 138 27.53 -9.61 3.26
C LEU B 138 27.46 -8.11 3.49
N GLU B 139 26.78 -7.40 2.59
CA GLU B 139 26.63 -5.96 2.72
C GLU B 139 25.84 -5.63 3.98
N TYR B 140 26.08 -4.47 4.55
CA TYR B 140 25.36 -4.10 5.76
C TYR B 140 24.11 -3.35 5.33
N ASN B 141 22.99 -4.08 5.36
CA ASN B 141 21.67 -3.59 4.98
C ASN B 141 20.69 -4.77 5.04
N PHE B 142 19.42 -4.51 4.79
CA PHE B 142 18.44 -5.58 4.77
C PHE B 142 17.34 -5.26 3.76
N ASN B 143 16.86 -6.30 3.09
CA ASN B 143 15.84 -6.15 2.05
C ASN B 143 14.42 -6.32 2.60
N SER B 144 13.42 -6.20 1.72
CA SER B 144 12.03 -6.34 2.13
C SER B 144 11.53 -7.73 1.76
N HIS B 145 10.87 -8.40 2.70
CA HIS B 145 10.39 -9.77 2.49
C HIS B 145 8.95 -9.95 2.93
N ASN B 146 8.33 -11.00 2.40
CA ASN B 146 7.01 -11.44 2.85
C ASN B 146 7.14 -12.73 3.67
N VAL B 147 6.68 -12.68 4.92
CA VAL B 147 6.71 -13.87 5.76
C VAL B 147 5.37 -14.58 5.63
N TYR B 148 5.38 -15.75 5.02
CA TYR B 148 4.13 -16.46 4.75
C TYR B 148 3.72 -17.36 5.91
N ILE B 149 2.56 -17.04 6.49
CA ILE B 149 2.10 -17.68 7.71
C ILE B 149 0.92 -18.62 7.49
N THR B 150 1.06 -19.85 7.98
CA THR B 150 -0.04 -20.79 8.01
C THR B 150 -0.26 -21.18 9.45
N ALA B 151 -1.45 -21.70 9.76
CA ALA B 151 -1.75 -22.11 11.12
C ALA B 151 -1.20 -23.51 11.37
N ASP B 152 -0.70 -23.74 12.57
CA ASP B 152 -0.34 -25.09 12.96
C ASP B 152 -1.34 -25.51 14.04
N LYS B 153 -2.27 -26.36 13.65
CA LYS B 153 -3.36 -26.75 14.53
C LYS B 153 -2.91 -27.85 15.49
N GLN B 154 -1.95 -28.64 15.04
CA GLN B 154 -1.46 -29.78 15.81
C GLN B 154 -0.77 -29.30 17.08
N LYS B 155 0.04 -28.26 16.93
CA LYS B 155 0.78 -27.69 18.05
C LYS B 155 0.14 -26.44 18.66
N ASN B 156 -1.05 -26.08 18.18
CA ASN B 156 -1.78 -24.89 18.64
C ASN B 156 -1.02 -23.59 18.41
N GLY B 157 -0.59 -23.37 17.16
CA GLY B 157 0.27 -22.26 16.84
C GLY B 157 0.36 -22.06 15.35
N ILE B 158 1.41 -21.38 14.90
CA ILE B 158 1.56 -21.09 13.49
C ILE B 158 2.86 -21.68 12.95
N LYS B 159 2.92 -21.80 11.64
CA LYS B 159 4.17 -22.11 10.98
C LYS B 159 4.42 -20.95 10.01
N ALA B 160 5.68 -20.73 9.65
CA ALA B 160 6.00 -19.67 8.70
C ALA B 160 7.09 -20.13 7.73
N ASN B 161 7.03 -19.64 6.50
CA ASN B 161 8.01 -19.99 5.49
C ASN B 161 8.38 -18.76 4.66
N PHE B 162 9.68 -18.45 4.57
CA PHE B 162 10.17 -17.33 3.74
C PHE B 162 11.64 -17.45 3.35
N LYS B 163 12.01 -16.80 2.25
CA LYS B 163 13.39 -16.85 1.81
C LYS B 163 13.99 -15.46 1.96
N ILE B 164 14.99 -15.36 2.84
CA ILE B 164 15.68 -14.10 3.06
C ILE B 164 16.80 -13.91 2.06
N ARG B 165 16.86 -12.72 1.47
CA ARG B 165 17.86 -12.40 0.47
C ARG B 165 18.90 -11.44 1.04
N HIS B 166 20.12 -11.94 1.21
CA HIS B 166 21.23 -11.13 1.72
C HIS B 166 22.13 -10.67 0.58
N ASN B 167 22.26 -9.35 0.43
CA ASN B 167 23.18 -8.81 -0.58
C ASN B 167 24.64 -9.11 -0.25
N VAL B 168 25.33 -9.71 -1.21
CA VAL B 168 26.76 -10.01 -1.08
C VAL B 168 27.59 -8.92 -1.75
N GLU B 169 28.74 -8.60 -1.16
CA GLU B 169 29.59 -7.50 -1.63
C GLU B 169 30.09 -7.61 -3.07
N ASP B 170 30.04 -8.79 -3.66
CA ASP B 170 30.53 -8.97 -5.03
C ASP B 170 29.43 -8.82 -6.07
N GLY B 171 28.23 -8.48 -5.62
CA GLY B 171 27.10 -8.29 -6.51
C GLY B 171 26.14 -9.47 -6.53
N SER B 172 26.48 -10.51 -5.79
CA SER B 172 25.63 -11.69 -5.74
C SER B 172 24.65 -11.63 -4.57
N VAL B 173 23.89 -12.71 -4.38
CA VAL B 173 22.90 -12.77 -3.32
C VAL B 173 23.08 -14.06 -2.51
N GLN B 174 22.97 -13.94 -1.18
CA GLN B 174 23.04 -15.10 -0.30
C GLN B 174 21.64 -15.41 0.23
N LEU B 175 21.13 -16.59 -0.10
CA LEU B 175 19.79 -16.98 0.31
C LEU B 175 19.78 -17.66 1.67
N ALA B 176 18.84 -17.27 2.51
CA ALA B 176 18.63 -17.92 3.80
C ALA B 176 17.20 -18.47 3.86
N ASP B 177 17.07 -19.79 3.84
CA ASP B 177 15.76 -20.41 3.92
C ASP B 177 15.27 -20.44 5.35
N HIS B 178 14.12 -19.81 5.60
CA HIS B 178 13.56 -19.80 6.93
C HIS B 178 12.39 -20.77 7.07
N TYR B 179 12.44 -21.57 8.12
CA TYR B 179 11.31 -22.40 8.51
C TYR B 179 11.00 -22.06 9.95
N GLN B 180 9.76 -21.70 10.21
CA GLN B 180 9.40 -21.19 11.53
C GLN B 180 8.19 -21.92 12.07
N GLN B 181 8.21 -22.18 13.38
CA GLN B 181 7.03 -22.68 14.06
C GLN B 181 6.90 -22.03 15.44
N ASN B 182 5.69 -21.53 15.74
CA ASN B 182 5.42 -20.94 17.04
C ASN B 182 4.36 -21.70 17.83
N THR B 183 4.55 -21.78 19.14
CA THR B 183 3.57 -22.36 20.03
C THR B 183 3.50 -21.49 21.29
N PRO B 184 2.31 -21.32 21.87
CA PRO B 184 2.19 -20.45 23.04
C PRO B 184 2.74 -21.08 24.32
N ILE B 185 3.15 -20.23 25.25
CA ILE B 185 3.72 -20.67 26.52
C ILE B 185 2.64 -21.12 27.52
N GLY B 186 1.52 -20.41 27.51
CA GLY B 186 0.42 -20.72 28.40
C GLY B 186 -0.60 -21.69 27.82
N ASP B 187 -1.55 -22.11 28.64
CA ASP B 187 -2.60 -23.02 28.20
C ASP B 187 -3.77 -22.20 27.65
N GLY B 188 -3.72 -20.90 27.85
CA GLY B 188 -4.71 -19.97 27.33
C GLY B 188 -4.96 -20.12 25.84
N PRO B 189 -6.23 -19.99 25.44
CA PRO B 189 -6.62 -20.15 24.03
C PRO B 189 -5.98 -19.08 23.15
N VAL B 190 -5.74 -19.41 21.88
CA VAL B 190 -5.04 -18.49 21.00
C VAL B 190 -5.73 -18.40 19.64
N LEU B 191 -5.53 -17.28 18.96
CA LEU B 191 -6.05 -17.10 17.61
C LEU B 191 -5.20 -17.88 16.62
N LEU B 192 -5.82 -18.79 15.88
CA LEU B 192 -5.13 -19.43 14.78
C LEU B 192 -5.68 -18.86 13.47
N PRO B 193 -4.81 -18.23 12.67
CA PRO B 193 -5.28 -17.51 11.48
C PRO B 193 -5.36 -18.40 10.26
N ASP B 194 -5.86 -17.85 9.16
CA ASP B 194 -5.77 -18.52 7.88
C ASP B 194 -4.47 -18.08 7.24
N ASN B 195 -4.17 -18.62 6.06
CA ASN B 195 -2.94 -18.24 5.37
C ASN B 195 -2.91 -16.74 5.07
N HIS B 196 -1.83 -16.09 5.51
CA HIS B 196 -1.60 -14.68 5.21
C HIS B 196 -0.10 -14.42 5.30
N TYR B 197 0.28 -13.16 5.13
CA TYR B 197 1.70 -12.83 5.21
C TYR B 197 2.00 -11.49 5.87
N LEU B 198 3.19 -11.39 6.44
CA LEU B 198 3.68 -10.13 7.00
C LEU B 198 4.63 -9.48 6.00
N SER B 199 4.34 -8.23 5.66
CA SER B 199 5.20 -7.49 4.76
C SER B 199 6.20 -6.71 5.60
N THR B 200 7.46 -7.10 5.49
CA THR B 200 8.49 -6.58 6.38
C THR B 200 9.56 -5.82 5.62
N GLN B 201 9.88 -4.63 6.10
CA GLN B 201 11.01 -3.87 5.59
C GLN B 201 11.85 -3.31 6.72
N SER B 202 13.15 -3.53 6.65
CA SER B 202 14.06 -3.10 7.69
C SER B 202 15.14 -2.18 7.14
N VAL B 203 15.70 -1.35 8.01
CA VAL B 203 16.82 -0.49 7.63
C VAL B 203 17.89 -0.50 8.73
N LEU B 204 19.12 -0.77 8.33
CA LEU B 204 20.21 -0.94 9.28
C LEU B 204 21.13 0.27 9.30
N SER B 205 21.70 0.56 10.46
CA SER B 205 22.58 1.71 10.62
C SER B 205 23.48 1.53 11.84
N LYS B 206 24.25 2.56 12.15
CA LYS B 206 25.19 2.53 13.26
C LYS B 206 25.06 3.79 14.13
N ASP B 207 25.39 3.64 15.40
CA ASP B 207 25.48 4.75 16.33
C ASP B 207 26.85 5.36 16.17
N PRO B 208 26.91 6.62 15.70
CA PRO B 208 28.15 7.33 15.40
C PRO B 208 29.11 7.33 16.57
N ASN B 209 28.55 7.29 17.78
CA ASN B 209 29.34 7.37 19.00
C ASN B 209 29.67 6.03 19.65
N GLU B 210 29.27 4.93 19.00
CA GLU B 210 29.45 3.60 19.59
C GLU B 210 30.58 2.78 18.96
N LYS B 211 31.62 2.49 19.75
CA LYS B 211 32.76 1.73 19.23
C LYS B 211 32.65 0.22 19.43
N ARG B 212 31.67 -0.22 20.20
CA ARG B 212 31.41 -1.64 20.36
C ARG B 212 30.76 -2.17 19.08
N ASP B 213 30.84 -3.47 18.86
CA ASP B 213 30.23 -4.03 17.65
C ASP B 213 28.73 -4.06 17.89
N HIS B 214 27.99 -3.35 17.04
CA HIS B 214 26.60 -3.05 17.30
C HIS B 214 25.74 -2.95 16.05
N MET B 215 24.42 -2.97 16.23
CA MET B 215 23.49 -2.72 15.12
C MET B 215 22.30 -1.86 15.55
N VAL B 216 22.05 -0.80 14.80
CA VAL B 216 20.87 0.03 15.03
C VAL B 216 19.82 -0.33 13.98
N LEU B 217 18.62 -0.71 14.44
CA LEU B 217 17.62 -1.29 13.56
C LEU B 217 16.26 -0.60 13.64
N LEU B 218 15.76 -0.20 12.47
CA LEU B 218 14.40 0.30 12.32
C LEU B 218 13.62 -0.64 11.41
N GLU B 219 12.44 -1.04 11.85
CA GLU B 219 11.68 -2.05 11.10
C GLU B 219 10.20 -1.68 10.99
N PHE B 220 9.60 -2.05 9.86
CA PHE B 220 8.18 -1.83 9.62
C PHE B 220 7.54 -3.12 9.14
N VAL B 221 6.62 -3.66 9.93
CA VAL B 221 5.90 -4.87 9.56
C VAL B 221 4.40 -4.63 9.58
N THR B 222 3.73 -4.99 8.50
CA THR B 222 2.29 -4.87 8.40
C THR B 222 1.67 -6.12 7.78
N ALA B 223 0.61 -6.62 8.41
CA ALA B 223 -0.03 -7.84 7.95
C ALA B 223 -0.90 -7.59 6.73
N ALA B 224 -1.03 -8.61 5.88
CA ALA B 224 -1.78 -8.52 4.64
C ALA B 224 -2.02 -9.92 4.09
N GLY B 225 -2.64 -9.99 2.92
CA GLY B 225 -2.85 -11.27 2.26
C GLY B 225 -4.25 -11.85 2.34
N ILE B 226 -5.16 -11.10 2.95
CA ILE B 226 -6.58 -11.46 2.90
C ILE B 226 -7.43 -10.25 2.52
N ALA B 227 -8.24 -10.42 1.48
CA ALA B 227 -9.16 -9.35 1.09
C ALA B 227 -10.55 -9.77 1.53
N GLN B 228 -11.25 -8.86 2.19
CA GLN B 228 -12.59 -9.13 2.67
C GLN B 228 -13.57 -9.27 1.52
N VAL B 229 -13.27 -8.62 0.41
CA VAL B 229 -14.14 -8.63 -0.76
C VAL B 229 -13.29 -8.81 -2.02
N GLN B 230 -13.78 -9.62 -2.96
CA GLN B 230 -13.04 -9.94 -4.17
C GLN B 230 -13.95 -10.08 -5.41
N LEU B 231 -13.50 -9.48 -6.50
CA LEU B 231 -14.18 -9.57 -7.78
C LEU B 231 -13.23 -10.12 -8.83
N VAL B 232 -13.66 -11.14 -9.56
CA VAL B 232 -12.85 -11.69 -10.64
C VAL B 232 -13.64 -11.68 -11.93
N GLU B 233 -13.22 -10.84 -12.88
CA GLU B 233 -13.87 -10.79 -14.19
C GLU B 233 -13.39 -11.89 -15.11
N SER B 234 -14.25 -12.30 -16.03
CA SER B 234 -13.91 -13.29 -17.03
C SER B 234 -14.66 -13.00 -18.32
N GLY B 235 -14.22 -13.61 -19.42
CA GLY B 235 -14.97 -13.56 -20.66
C GLY B 235 -14.38 -12.70 -21.75
N GLY B 236 -13.35 -11.92 -21.42
CA GLY B 236 -12.73 -11.05 -22.39
C GLY B 236 -12.04 -11.82 -23.52
N ALA B 237 -12.17 -11.31 -24.74
CA ALA B 237 -11.58 -11.95 -25.91
C ALA B 237 -11.46 -10.95 -27.06
N LEU B 238 -10.93 -11.39 -28.21
CA LEU B 238 -10.87 -10.56 -29.41
C LEU B 238 -12.05 -10.91 -30.31
N VAL B 239 -12.72 -9.88 -30.84
CA VAL B 239 -14.00 -10.10 -31.51
C VAL B 239 -14.14 -9.17 -32.71
N GLN B 240 -14.71 -9.68 -33.80
CA GLN B 240 -14.95 -8.88 -35.00
C GLN B 240 -16.08 -7.88 -34.75
N PRO B 241 -16.01 -6.72 -35.42
CA PRO B 241 -17.07 -5.71 -35.33
C PRO B 241 -18.43 -6.31 -35.62
N GLY B 242 -19.44 -5.92 -34.84
CA GLY B 242 -20.78 -6.45 -35.02
C GLY B 242 -21.01 -7.74 -34.27
N GLY B 243 -19.94 -8.30 -33.69
CA GLY B 243 -20.06 -9.55 -32.96
C GLY B 243 -20.58 -9.34 -31.56
N SER B 244 -20.48 -10.39 -30.74
CA SER B 244 -21.01 -10.33 -29.38
C SER B 244 -20.21 -11.19 -28.44
N LEU B 245 -20.06 -10.73 -27.20
CA LEU B 245 -19.55 -11.56 -26.13
C LEU B 245 -20.06 -11.17 -24.74
N ARG B 246 -19.91 -12.09 -23.80
CA ARG B 246 -20.50 -11.96 -22.47
C ARG B 246 -19.42 -12.02 -21.41
N LEU B 247 -19.44 -11.06 -20.49
CA LEU B 247 -18.51 -11.08 -19.37
C LEU B 247 -19.18 -11.58 -18.11
N SER B 248 -18.41 -12.26 -17.28
CA SER B 248 -18.90 -12.71 -15.99
C SER B 248 -17.94 -12.25 -14.91
N CYS B 249 -18.49 -11.90 -13.76
CA CYS B 249 -17.67 -11.56 -12.62
C CYS B 249 -18.08 -12.42 -11.44
N ALA B 250 -17.11 -13.08 -10.84
CA ALA B 250 -17.38 -13.92 -9.67
C ALA B 250 -17.16 -13.08 -8.43
N ALA B 251 -18.19 -12.97 -7.60
CA ALA B 251 -18.11 -12.11 -6.43
C ALA B 251 -17.89 -12.93 -5.17
N SER B 252 -17.09 -12.39 -4.26
CA SER B 252 -16.79 -13.07 -3.01
C SER B 252 -16.76 -12.09 -1.86
N GLY B 253 -17.23 -12.51 -0.69
CA GLY B 253 -17.17 -11.66 0.49
C GLY B 253 -18.46 -10.92 0.79
N PHE B 254 -19.49 -11.20 -0.01
CA PHE B 254 -20.76 -10.48 0.08
C PHE B 254 -21.79 -11.06 -0.85
N PRO B 255 -23.07 -11.04 -0.43
CA PRO B 255 -24.19 -11.43 -1.29
C PRO B 255 -24.38 -10.42 -2.42
N VAL B 256 -24.49 -10.93 -3.64
CA VAL B 256 -24.62 -10.08 -4.83
C VAL B 256 -25.96 -9.34 -4.90
N ASN B 257 -26.97 -9.84 -4.19
CA ASN B 257 -28.29 -9.24 -4.23
C ASN B 257 -28.55 -8.20 -3.13
N ARG B 258 -27.57 -7.98 -2.27
CA ARG B 258 -27.68 -6.91 -1.26
C ARG B 258 -26.95 -5.63 -1.63
N TYR B 259 -26.28 -5.62 -2.78
CA TYR B 259 -25.49 -4.45 -3.19
C TYR B 259 -25.60 -4.20 -4.69
N SER B 260 -25.52 -2.94 -5.08
CA SER B 260 -25.51 -2.58 -6.49
C SER B 260 -24.15 -2.92 -7.10
N MET B 261 -24.16 -3.41 -8.33
CA MET B 261 -22.93 -3.76 -9.02
C MET B 261 -22.86 -2.99 -10.32
N ARG B 262 -21.66 -2.52 -10.68
CA ARG B 262 -21.48 -1.77 -11.90
C ARG B 262 -20.32 -2.27 -12.75
N TRP B 263 -20.39 -1.97 -14.04
CA TRP B 263 -19.28 -2.26 -14.94
C TRP B 263 -18.62 -0.97 -15.41
N TYR B 264 -17.29 -0.98 -15.44
CA TYR B 264 -16.52 0.13 -15.94
C TYR B 264 -15.63 -0.37 -17.07
N ARG B 265 -15.14 0.54 -17.90
CA ARG B 265 -14.15 0.16 -18.91
C ARG B 265 -13.13 1.27 -19.12
N GLN B 266 -11.90 0.88 -19.43
CA GLN B 266 -10.87 1.86 -19.73
C GLN B 266 -10.17 1.52 -21.03
N ALA B 267 -10.35 2.38 -22.03
CA ALA B 267 -9.67 2.23 -23.30
C ALA B 267 -8.28 2.83 -23.15
N PRO B 268 -7.31 2.36 -23.96
CA PRO B 268 -5.95 2.87 -23.80
C PRO B 268 -5.83 4.37 -24.06
N GLY B 269 -5.23 5.08 -23.11
CA GLY B 269 -5.02 6.51 -23.23
C GLY B 269 -6.20 7.36 -22.79
N LYS B 270 -7.39 6.77 -22.68
CA LYS B 270 -8.55 7.51 -22.22
C LYS B 270 -8.78 7.24 -20.73
N GLU B 271 -9.71 7.96 -20.11
CA GLU B 271 -10.04 7.70 -18.71
C GLU B 271 -11.08 6.59 -18.54
N ARG B 272 -11.03 5.94 -17.37
CA ARG B 272 -11.96 4.87 -17.04
C ARG B 272 -13.37 5.44 -16.96
N GLU B 273 -14.31 4.81 -17.66
CA GLU B 273 -15.68 5.29 -17.69
C GLU B 273 -16.65 4.23 -17.19
N TRP B 274 -17.74 4.69 -16.59
CA TRP B 274 -18.82 3.79 -16.19
C TRP B 274 -19.63 3.34 -17.40
N VAL B 275 -19.94 2.04 -17.45
CA VAL B 275 -20.66 1.47 -18.57
C VAL B 275 -22.10 1.13 -18.21
N ALA B 276 -22.26 0.24 -17.24
CA ALA B 276 -23.58 -0.25 -16.87
C ALA B 276 -23.63 -0.54 -15.38
N GLY B 277 -24.84 -0.61 -14.85
CA GLY B 277 -25.05 -0.96 -13.45
C GLY B 277 -26.47 -1.34 -13.14
N MET B 278 -26.67 -2.02 -12.02
CA MET B 278 -28.01 -2.40 -11.59
C MET B 278 -28.20 -2.16 -10.09
N SER B 279 -29.43 -1.84 -9.71
CA SER B 279 -29.77 -1.56 -8.32
C SER B 279 -29.53 -2.78 -7.43
N SER B 280 -29.27 -2.54 -6.15
CA SER B 280 -29.09 -3.61 -5.17
C SER B 280 -30.29 -4.55 -5.16
N ALA B 281 -31.49 -3.97 -5.28
CA ALA B 281 -32.71 -4.77 -5.29
C ALA B 281 -32.85 -5.54 -6.59
N GLY B 282 -32.30 -4.98 -7.67
CA GLY B 282 -32.37 -5.61 -8.97
C GLY B 282 -33.53 -5.11 -9.81
N ASP B 283 -34.26 -4.13 -9.28
CA ASP B 283 -35.45 -3.61 -9.95
C ASP B 283 -35.16 -2.50 -10.96
N ARG B 284 -33.93 -1.97 -10.94
CA ARG B 284 -33.53 -0.98 -11.92
C ARG B 284 -32.15 -1.30 -12.49
N SER B 285 -31.98 -1.02 -13.78
CA SER B 285 -30.69 -1.12 -14.43
C SER B 285 -30.42 0.10 -15.30
N SER B 286 -29.16 0.53 -15.36
CA SER B 286 -28.81 1.72 -16.10
C SER B 286 -27.62 1.46 -17.02
N TYR B 287 -27.54 2.24 -18.10
CA TYR B 287 -26.47 2.08 -19.08
C TYR B 287 -26.00 3.44 -19.58
N GLU B 288 -24.70 3.56 -19.85
CA GLU B 288 -24.19 4.82 -20.38
C GLU B 288 -24.65 5.01 -21.82
N ASP B 289 -24.63 6.25 -22.28
CA ASP B 289 -25.22 6.61 -23.58
C ASP B 289 -24.57 5.90 -24.77
N SER B 290 -23.26 5.71 -24.70
CA SER B 290 -22.53 5.04 -25.76
C SER B 290 -23.03 3.61 -26.00
N VAL B 291 -23.30 2.88 -24.92
CA VAL B 291 -23.67 1.47 -25.02
C VAL B 291 -25.16 1.16 -24.94
N LYS B 292 -26.00 2.20 -24.83
CA LYS B 292 -27.42 1.99 -24.57
C LYS B 292 -28.13 1.14 -25.63
N GLY B 293 -28.81 0.10 -25.17
CA GLY B 293 -29.58 -0.78 -26.03
C GLY B 293 -28.73 -1.93 -26.56
N ARG B 294 -27.43 -1.71 -26.63
CA ARG B 294 -26.49 -2.75 -27.06
C ARG B 294 -26.07 -3.67 -25.92
N PHE B 295 -25.92 -3.09 -24.73
CA PHE B 295 -25.38 -3.81 -23.58
C PHE B 295 -26.47 -4.15 -22.57
N THR B 296 -26.31 -5.28 -21.89
CA THR B 296 -27.28 -5.69 -20.89
C THR B 296 -26.61 -6.27 -19.66
N ILE B 297 -26.96 -5.75 -18.48
CA ILE B 297 -26.40 -6.24 -17.23
C ILE B 297 -27.39 -7.17 -16.53
N SER B 298 -26.86 -8.18 -15.85
CA SER B 298 -27.69 -9.12 -15.11
C SER B 298 -26.86 -9.79 -14.02
N ARG B 299 -27.54 -10.47 -13.11
CA ARG B 299 -26.84 -11.17 -12.04
C ARG B 299 -27.54 -12.46 -11.65
N ASP B 300 -26.78 -13.39 -11.10
CA ASP B 300 -27.33 -14.64 -10.60
C ASP B 300 -27.10 -14.65 -9.10
N ASP B 301 -28.18 -14.48 -8.34
CA ASP B 301 -28.09 -14.42 -6.88
C ASP B 301 -27.52 -15.70 -6.30
N ALA B 302 -27.88 -16.83 -6.90
CA ALA B 302 -27.46 -18.14 -6.43
C ALA B 302 -25.96 -18.36 -6.56
N ARG B 303 -25.42 -18.16 -7.76
CA ARG B 303 -24.01 -18.39 -8.02
C ARG B 303 -23.17 -17.17 -7.64
N ASN B 304 -23.83 -16.13 -7.16
CA ASN B 304 -23.17 -14.88 -6.77
C ASN B 304 -22.27 -14.32 -7.86
N THR B 305 -22.82 -14.22 -9.07
CA THR B 305 -22.07 -13.75 -10.21
C THR B 305 -22.85 -12.68 -10.98
N VAL B 306 -22.13 -11.80 -11.66
CA VAL B 306 -22.73 -10.70 -12.40
C VAL B 306 -22.28 -10.77 -13.85
N TYR B 307 -23.18 -10.41 -14.77
CA TYR B 307 -22.89 -10.51 -16.19
C TYR B 307 -23.03 -9.17 -16.91
N LEU B 308 -22.34 -9.06 -18.03
CA LEU B 308 -22.56 -7.97 -18.97
C LEU B 308 -22.60 -8.56 -20.37
N GLN B 309 -23.74 -8.47 -21.02
CA GLN B 309 -23.86 -8.96 -22.38
C GLN B 309 -23.57 -7.81 -23.33
N MET B 310 -22.62 -8.01 -24.23
CA MET B 310 -22.27 -6.95 -25.17
C MET B 310 -22.57 -7.38 -26.59
N ASN B 311 -23.45 -6.63 -27.24
CA ASN B 311 -23.89 -6.93 -28.59
C ASN B 311 -23.60 -5.78 -29.54
N SER B 312 -23.51 -6.10 -30.82
CA SER B 312 -23.21 -5.11 -31.86
C SER B 312 -21.95 -4.34 -31.50
N LEU B 313 -20.91 -5.08 -31.15
CA LEU B 313 -19.65 -4.48 -30.70
C LEU B 313 -19.03 -3.60 -31.77
N LYS B 314 -18.48 -2.47 -31.32
CA LYS B 314 -17.78 -1.56 -32.20
C LYS B 314 -16.34 -1.46 -31.72
N PRO B 315 -15.42 -1.06 -32.62
CA PRO B 315 -14.03 -0.82 -32.24
C PRO B 315 -13.91 0.06 -31.00
N GLU B 316 -14.81 1.02 -30.85
CA GLU B 316 -14.79 1.93 -29.70
C GLU B 316 -15.10 1.22 -28.38
N ASP B 317 -15.59 -0.01 -28.45
CA ASP B 317 -15.89 -0.78 -27.25
C ASP B 317 -14.63 -1.48 -26.72
N THR B 318 -13.56 -1.45 -27.50
CA THR B 318 -12.29 -2.03 -27.08
C THR B 318 -11.77 -1.32 -25.84
N ALA B 319 -11.52 -2.10 -24.79
CA ALA B 319 -11.08 -1.58 -23.50
C ALA B 319 -10.87 -2.73 -22.53
N VAL B 320 -10.33 -2.42 -21.36
CA VAL B 320 -10.31 -3.37 -20.26
C VAL B 320 -11.56 -3.13 -19.41
N TYR B 321 -12.37 -4.17 -19.23
CA TYR B 321 -13.63 -4.03 -18.51
C TYR B 321 -13.50 -4.48 -17.06
N TYR B 322 -13.94 -3.62 -16.15
CA TYR B 322 -13.85 -3.89 -14.72
C TYR B 322 -15.23 -3.98 -14.10
N CYS B 323 -15.34 -4.76 -13.02
CA CYS B 323 -16.57 -4.83 -12.26
C CYS B 323 -16.36 -4.13 -10.93
N ASN B 324 -17.43 -3.56 -10.38
CA ASN B 324 -17.29 -2.65 -9.25
C ASN B 324 -18.40 -2.82 -8.21
N VAL B 325 -18.03 -2.75 -6.94
CA VAL B 325 -18.99 -2.80 -5.86
C VAL B 325 -18.48 -1.98 -4.67
N ASN B 326 -19.41 -1.42 -3.91
CA ASN B 326 -19.05 -0.74 -2.68
C ASN B 326 -19.74 -1.42 -1.51
N VAL B 327 -18.96 -2.13 -0.68
CA VAL B 327 -19.49 -2.54 0.61
C VAL B 327 -18.68 -1.82 1.68
N GLY B 328 -19.14 -0.65 2.08
CA GLY B 328 -18.45 0.16 3.07
C GLY B 328 -17.18 0.75 2.47
N PHE B 329 -16.64 0.02 1.50
CA PHE B 329 -15.45 0.39 0.73
C PHE B 329 -15.67 -0.04 -0.71
N GLU B 330 -15.04 0.66 -1.63
CA GLU B 330 -15.10 0.30 -3.05
C GLU B 330 -14.10 -0.81 -3.39
N TYR B 331 -14.53 -1.75 -4.23
CA TYR B 331 -13.65 -2.82 -4.68
C TYR B 331 -13.70 -2.95 -6.19
N TRP B 332 -12.57 -3.29 -6.79
CA TRP B 332 -12.48 -3.52 -8.23
C TRP B 332 -11.97 -4.94 -8.47
N GLY B 333 -12.20 -5.45 -9.68
CA GLY B 333 -11.57 -6.68 -10.10
C GLY B 333 -10.26 -6.38 -10.79
N GLN B 334 -9.55 -7.42 -11.22
CA GLN B 334 -8.29 -7.19 -11.94
C GLN B 334 -8.59 -6.71 -13.35
N GLY B 335 -9.80 -6.96 -13.80
CA GLY B 335 -10.24 -6.54 -15.12
C GLY B 335 -10.12 -7.65 -16.15
N THR B 336 -10.75 -7.45 -17.29
CA THR B 336 -10.65 -8.39 -18.40
C THR B 336 -10.65 -7.63 -19.73
N GLN B 337 -9.77 -8.06 -20.63
CA GLN B 337 -9.55 -7.32 -21.87
C GLN B 337 -10.44 -7.80 -23.01
N VAL B 338 -11.22 -6.87 -23.56
CA VAL B 338 -11.94 -7.14 -24.80
C VAL B 338 -11.41 -6.25 -25.92
N THR B 339 -11.12 -6.85 -27.06
CA THR B 339 -10.58 -6.12 -28.19
C THR B 339 -11.49 -6.27 -29.41
N VAL B 340 -11.89 -5.15 -29.99
CA VAL B 340 -12.72 -5.20 -31.18
C VAL B 340 -12.00 -4.62 -32.40
N SER B 341 -11.61 -5.52 -33.30
CA SER B 341 -11.00 -5.14 -34.57
C SER B 341 -11.23 -6.33 -35.51
N HIS B 342 -11.22 -6.15 -36.83
CA HIS B 342 -11.06 -4.87 -37.53
C HIS B 342 -12.17 -3.85 -37.26
#